data_8QEC
#
_entry.id   8QEC
#
_cell.length_a   1.00
_cell.length_b   1.00
_cell.length_c   1.00
_cell.angle_alpha   90.00
_cell.angle_beta   90.00
_cell.angle_gamma   90.00
#
_symmetry.space_group_name_H-M   'P 1'
#
loop_
_entity.id
_entity.type
_entity.pdbx_description
1 polymer 'NPC intracellular sterol transporter 1-related protein 1'
2 branched 2-acetamido-2-deoxy-beta-D-glucopyranose-(1-4)-2-acetamido-2-deoxy-beta-D-glucopyranose
3 non-polymer 'CHOLESTEROL HEMISUCCINATE'
4 non-polymer ERGOSTEROL
5 non-polymer '2-{[(4-O-alpha-D-glucopyranosyl-alpha-D-glucopyranosyl)oxy]methyl}-4-{[(3beta,9beta,14beta,17beta,25R)-spirost-5-en-3-yl]oxy}butyl 4-O-alpha-D-glucopyranosyl-alpha-D-glucopyranoside'
#
_entity_poly.entity_id   1
_entity_poly.type   'polypeptide(L)'
_entity_poly.pdbx_seq_one_letter_code
;MNVLWIIALVGQLMRLVQGTATCAMYGNCGKKSVFGNELPCPVPRSFEPPVLSDETSKLLVEVCGEEWKEVRYACCTKDQ
VVALRDNLQKAQPLISSCPACLKNFNNLFCHFTCAADQGRFVNITKVEKSKEDKDIVAELDVFMNSSWASEFYDSCKNIK
FSATNGYAMDLIGGGAKNYSQFLKFLGDAKPMLGGSPFQINYKYDLANEEKEWQEFNDEVYACDDAQYKCACSDCQESCP
HLKPLKDGVCKVGPLPCFSLSVLIFYTICALFAFMWYYLCKRKKNGAMIVDDDIVPESGSLDESETNVFESFNNETNFFN
GKLANLFTKVGQFSVENPYKILITTVFSIFVFSFIIFQYATLETDPINLWVSKNSEKFKEKEYFDDNFGPFYRTEQIFVV
NETGPVLSYETLHWWFDVENFITEELQSSENIGYQDLCFRPTEDSTCVIESFTQYFQGALPNKDSWKRELQECGKFPVNC
LPTFQQPLKTNLLFSDDDILNAHAFVVTLLLTNHTQSANRWEERLEEYLLDLKVPEGLRISFNTEISLEKELNNNNDIST
VAISYLMMFLYATWALRRKDGKTRLLLGISGLLIVLASIVCAAGFLTLFGLKSTLIIAEVIPFLILAIGIDNIFLITHEY
DRNCEQKPEYSIDQKIISAIGRMSPSILMSLLCQTGCFLIAAFVTMPAVHNFAIYSTVSVIFNGVLQLTAYVSILSLYEK
RSNYKQITGNEETKESFLKTFYFKMLTQKRLIIIIFSAWFFTSLVFLPEIQFGLDQTLAVPQDSYLVDYFKDVYSFLNVG
PPVYMVVKNLDLTKRQNQQKICGKFTTCERDSLANVLEQERHRSTITEPLANWLDDYFMFLNPQNDQCCRLKKGTDEVCP
PSFPSRRCETCFQQGSWNYNMSGFPEGKDFMEYLSIWINAPSDPCPLGGRAPYSTALVYNETSVSASVFRTAHHPLRSQK
DFIQAYSDGVRISSSFPELDMFAYSPFYIFFVQYQTLGPLTLKLIGSAIILIFFISSVFLQNIRSSFLLALVVTMIIVDI
GALMALLGISLNAVSLVNLIICVGLGVEFCVHIVRSFTVVPSETKKDANSRVLYSLNTIGESVIKGITLTKFIGVCVLAF
AQSKIFDVFYFRMWFTLIIVAALHALLFLPALLSLFGGESYRDDSIEAED
;
_entity_poly.pdbx_strand_id   A
#
# COMPACT_ATOMS: atom_id res chain seq x y z
N ALA A 21 0.28 -48.85 -50.64
CA ALA A 21 1.38 -49.46 -49.90
C ALA A 21 0.84 -50.47 -48.89
N THR A 22 1.71 -50.95 -48.00
CA THR A 22 1.32 -51.94 -47.00
C THR A 22 0.33 -51.30 -46.03
N CYS A 23 -0.93 -51.71 -46.11
CA CYS A 23 -1.98 -51.19 -45.25
C CYS A 23 -2.58 -52.35 -44.45
N ALA A 24 -2.67 -52.17 -43.14
CA ALA A 24 -3.35 -53.13 -42.27
C ALA A 24 -4.84 -52.85 -42.17
N MET A 25 -5.33 -51.75 -42.73
CA MET A 25 -6.72 -51.38 -42.61
C MET A 25 -7.16 -50.79 -43.95
N TYR A 26 -8.37 -51.12 -44.39
CA TYR A 26 -8.87 -50.56 -45.65
C TYR A 26 -10.35 -50.84 -45.79
N GLY A 27 -11.10 -49.84 -46.24
CA GLY A 27 -12.49 -50.01 -46.56
C GLY A 27 -13.37 -50.34 -45.37
N ASN A 28 -14.68 -50.25 -45.56
CA ASN A 28 -15.66 -50.61 -44.53
C ASN A 28 -16.50 -51.77 -45.04
N CYS A 29 -16.52 -52.85 -44.25
CA CYS A 29 -17.28 -54.06 -44.62
C CYS A 29 -18.67 -54.11 -43.99
N GLY A 30 -19.04 -53.11 -43.19
CA GLY A 30 -20.34 -53.08 -42.57
C GLY A 30 -20.25 -52.80 -41.08
N LYS A 31 -21.42 -52.49 -40.51
CA LYS A 31 -21.52 -52.16 -39.10
C LYS A 31 -21.45 -53.43 -38.25
N LYS A 32 -20.96 -53.27 -37.02
CA LYS A 32 -20.88 -54.40 -36.10
C LYS A 32 -22.25 -54.77 -35.55
N SER A 33 -23.15 -53.80 -35.42
CA SER A 33 -24.48 -54.05 -34.90
C SER A 33 -25.46 -53.09 -35.55
N VAL A 34 -26.74 -53.42 -35.46
CA VAL A 34 -27.77 -52.57 -36.06
C VAL A 34 -27.67 -51.17 -35.47
N PHE A 35 -27.64 -50.17 -36.37
CA PHE A 35 -27.50 -48.76 -36.04
C PHE A 35 -26.12 -48.40 -35.55
N GLY A 36 -25.20 -49.37 -35.41
CA GLY A 36 -23.86 -49.05 -34.98
C GLY A 36 -23.03 -48.43 -36.07
N ASN A 37 -22.00 -47.70 -35.66
CA ASN A 37 -21.11 -47.05 -36.62
C ASN A 37 -20.38 -48.10 -37.45
N GLU A 38 -20.26 -47.84 -38.75
CA GLU A 38 -19.56 -48.76 -39.64
C GLU A 38 -18.11 -48.90 -39.22
N LEU A 39 -17.63 -50.15 -39.18
CA LEU A 39 -16.25 -50.43 -38.82
C LEU A 39 -15.42 -50.76 -40.06
N PRO A 40 -14.16 -50.36 -40.11
CA PRO A 40 -13.34 -50.64 -41.29
C PRO A 40 -13.03 -52.12 -41.45
N CYS A 41 -12.80 -52.53 -42.69
CA CYS A 41 -12.56 -53.93 -43.01
C CYS A 41 -11.07 -54.22 -42.92
N PRO A 42 -10.64 -55.15 -42.08
CA PRO A 42 -9.20 -55.47 -42.00
C PRO A 42 -8.69 -56.08 -43.30
N VAL A 43 -7.43 -55.82 -43.59
CA VAL A 43 -6.78 -56.32 -44.81
C VAL A 43 -5.37 -56.78 -44.45
N PRO A 44 -4.82 -57.70 -45.23
CA PRO A 44 -3.45 -58.16 -44.98
C PRO A 44 -2.44 -57.05 -45.18
N ARG A 45 -1.32 -57.17 -44.46
CA ARG A 45 -0.27 -56.16 -44.56
C ARG A 45 0.30 -56.07 -45.97
N SER A 46 0.15 -57.10 -46.79
CA SER A 46 0.60 -57.10 -48.17
C SER A 46 -0.44 -56.56 -49.13
N PHE A 47 -1.62 -56.18 -48.64
CA PHE A 47 -2.65 -55.64 -49.52
C PHE A 47 -2.18 -54.34 -50.14
N GLU A 48 -2.43 -54.20 -51.45
CA GLU A 48 -2.03 -53.03 -52.21
C GLU A 48 -3.28 -52.30 -52.71
N PRO A 49 -3.71 -51.22 -52.06
CA PRO A 49 -4.91 -50.53 -52.54
C PRO A 49 -4.67 -49.90 -53.88
N PRO A 50 -5.72 -49.73 -54.70
CA PRO A 50 -5.55 -49.13 -56.02
C PRO A 50 -5.28 -47.63 -55.92
N VAL A 51 -5.01 -47.03 -57.08
CA VAL A 51 -4.74 -45.60 -57.13
C VAL A 51 -5.98 -44.84 -56.71
N LEU A 52 -5.77 -43.69 -56.08
CA LEU A 52 -6.87 -42.88 -55.57
C LEU A 52 -7.65 -42.25 -56.72
N SER A 53 -8.90 -41.90 -56.42
CA SER A 53 -9.77 -41.23 -57.38
C SER A 53 -9.62 -39.71 -57.24
N ASP A 54 -10.19 -39.00 -58.22
CA ASP A 54 -10.10 -37.54 -58.20
C ASP A 54 -10.78 -36.95 -56.98
N GLU A 55 -11.95 -37.46 -56.62
CA GLU A 55 -12.68 -36.91 -55.49
C GLU A 55 -11.90 -37.09 -54.19
N THR A 56 -11.28 -38.26 -54.01
CA THR A 56 -10.52 -38.51 -52.79
C THR A 56 -9.38 -37.52 -52.63
N SER A 57 -8.68 -37.21 -53.73
CA SER A 57 -7.57 -36.28 -53.65
C SER A 57 -8.05 -34.90 -53.20
N LYS A 58 -9.19 -34.45 -53.73
CA LYS A 58 -9.73 -33.16 -53.32
C LYS A 58 -10.07 -33.16 -51.83
N LEU A 59 -10.68 -34.24 -51.34
CA LEU A 59 -11.06 -34.30 -49.94
C LEU A 59 -9.83 -34.28 -49.04
N LEU A 60 -8.82 -35.08 -49.38
CA LEU A 60 -7.65 -35.21 -48.50
C LEU A 60 -6.94 -33.87 -48.32
N VAL A 61 -6.76 -33.12 -49.41
CA VAL A 61 -6.07 -31.83 -49.31
C VAL A 61 -6.89 -30.87 -48.47
N GLU A 62 -8.21 -30.94 -48.55
CA GLU A 62 -9.07 -30.02 -47.81
C GLU A 62 -9.23 -30.46 -46.36
N VAL A 63 -9.75 -31.67 -46.14
CA VAL A 63 -10.09 -32.10 -44.79
C VAL A 63 -8.83 -32.24 -43.93
N CYS A 64 -7.78 -32.85 -44.46
CA CYS A 64 -6.58 -33.13 -43.68
C CYS A 64 -5.53 -32.04 -43.85
N GLY A 65 -5.06 -31.82 -45.06
CA GLY A 65 -4.05 -30.82 -45.32
C GLY A 65 -3.39 -31.04 -46.65
N GLU A 66 -2.68 -30.00 -47.10
CA GLU A 66 -2.02 -30.05 -48.40
C GLU A 66 -0.85 -31.02 -48.43
N GLU A 67 -0.32 -31.41 -47.27
CA GLU A 67 0.80 -32.34 -47.24
C GLU A 67 0.43 -33.71 -47.82
N TRP A 68 -0.86 -34.01 -47.92
CA TRP A 68 -1.33 -35.28 -48.44
C TRP A 68 -1.58 -35.23 -49.95
N LYS A 69 -1.25 -34.11 -50.61
CA LYS A 69 -1.48 -33.98 -52.04
C LYS A 69 -0.62 -34.91 -52.87
N GLU A 70 0.39 -35.54 -52.28
CA GLU A 70 1.31 -36.40 -53.01
C GLU A 70 1.01 -37.89 -52.86
N VAL A 71 0.22 -38.28 -51.86
CA VAL A 71 -0.04 -39.69 -51.63
C VAL A 71 -0.83 -40.27 -52.80
N ARG A 72 -0.39 -41.41 -53.30
CA ARG A 72 -1.06 -42.09 -54.42
C ARG A 72 -1.82 -43.32 -53.95
N TYR A 73 -1.16 -44.26 -53.27
CA TYR A 73 -1.79 -45.49 -52.81
C TYR A 73 -2.13 -45.34 -51.34
N ALA A 74 -3.24 -44.64 -51.09
CA ALA A 74 -3.72 -44.45 -49.73
C ALA A 74 -4.47 -45.69 -49.26
N CYS A 75 -4.70 -45.77 -47.94
CA CYS A 75 -5.37 -46.90 -47.32
C CYS A 75 -6.78 -46.56 -46.87
N CYS A 76 -7.38 -45.51 -47.44
CA CYS A 76 -8.72 -45.08 -47.08
C CYS A 76 -9.51 -44.79 -48.34
N THR A 77 -10.84 -44.94 -48.23
CA THR A 77 -11.76 -44.74 -49.33
C THR A 77 -12.58 -43.47 -49.10
N LYS A 78 -13.51 -43.21 -50.03
CA LYS A 78 -14.34 -42.01 -49.91
C LYS A 78 -15.19 -42.04 -48.65
N ASP A 79 -15.75 -43.21 -48.32
CA ASP A 79 -16.56 -43.32 -47.11
C ASP A 79 -15.72 -43.06 -45.86
N GLN A 80 -14.48 -43.53 -45.86
CA GLN A 80 -13.61 -43.36 -44.70
C GLN A 80 -13.30 -41.89 -44.46
N VAL A 81 -12.94 -41.16 -45.53
CA VAL A 81 -12.50 -39.78 -45.37
C VAL A 81 -13.68 -38.89 -44.94
N VAL A 82 -14.84 -39.08 -45.57
CA VAL A 82 -16.01 -38.28 -45.20
C VAL A 82 -16.39 -38.55 -43.75
N ALA A 83 -16.37 -39.82 -43.34
CA ALA A 83 -16.61 -40.15 -41.95
C ALA A 83 -15.54 -39.54 -41.05
N LEU A 84 -14.28 -39.63 -41.46
CA LEU A 84 -13.20 -39.01 -40.69
C LEU A 84 -13.38 -37.50 -40.61
N ARG A 85 -13.73 -36.87 -41.74
CA ARG A 85 -13.94 -35.43 -41.74
C ARG A 85 -15.07 -35.05 -40.80
N ASP A 86 -16.17 -35.80 -40.82
CA ASP A 86 -17.28 -35.51 -39.92
C ASP A 86 -16.86 -35.64 -38.46
N ASN A 87 -16.10 -36.70 -38.14
CA ASN A 87 -15.71 -36.94 -36.76
C ASN A 87 -14.77 -35.84 -36.25
N LEU A 88 -13.81 -35.43 -37.06
CA LEU A 88 -12.84 -34.43 -36.62
C LEU A 88 -13.52 -33.12 -36.23
N GLN A 89 -14.61 -32.77 -36.91
CA GLN A 89 -15.33 -31.55 -36.57
C GLN A 89 -15.89 -31.57 -35.17
N LYS A 90 -16.03 -32.75 -34.56
CA LYS A 90 -16.59 -32.83 -33.21
C LYS A 90 -15.74 -32.06 -32.22
N ALA A 91 -14.42 -32.30 -32.23
CA ALA A 91 -13.52 -31.70 -31.26
C ALA A 91 -12.87 -30.42 -31.74
N GLN A 92 -13.16 -29.97 -32.96
CA GLN A 92 -12.51 -28.76 -33.47
C GLN A 92 -12.78 -27.55 -32.58
N PRO A 93 -14.01 -27.26 -32.17
CA PRO A 93 -14.23 -26.06 -31.35
C PRO A 93 -13.46 -26.05 -30.05
N LEU A 94 -13.24 -27.22 -29.44
CA LEU A 94 -12.58 -27.26 -28.15
C LEU A 94 -11.11 -26.85 -28.25
N ILE A 95 -10.43 -27.28 -29.30
CA ILE A 95 -8.99 -27.07 -29.42
C ILE A 95 -8.67 -26.16 -30.60
N SER A 96 -9.58 -25.23 -30.91
CA SER A 96 -9.34 -24.27 -31.98
C SER A 96 -8.59 -23.04 -31.50
N SER A 97 -8.43 -22.85 -30.19
CA SER A 97 -7.72 -21.69 -29.69
C SER A 97 -6.26 -21.70 -30.11
N CYS A 98 -5.61 -22.86 -30.03
CA CYS A 98 -4.20 -22.99 -30.34
C CYS A 98 -4.04 -23.76 -31.64
N PRO A 99 -3.67 -23.12 -32.75
CA PRO A 99 -3.53 -23.87 -34.01
C PRO A 99 -2.52 -25.01 -33.92
N ALA A 100 -1.49 -24.88 -33.09
CA ALA A 100 -0.51 -25.96 -32.97
C ALA A 100 -1.17 -27.23 -32.46
N CYS A 101 -1.99 -27.13 -31.42
CA CYS A 101 -2.70 -28.30 -30.93
C CYS A 101 -3.65 -28.86 -31.97
N LEU A 102 -4.38 -27.98 -32.67
CA LEU A 102 -5.29 -28.43 -33.71
C LEU A 102 -4.54 -29.13 -34.83
N LYS A 103 -3.41 -28.56 -35.26
CA LYS A 103 -2.63 -29.17 -36.33
C LYS A 103 -2.12 -30.55 -35.91
N ASN A 104 -1.59 -30.65 -34.69
CA ASN A 104 -1.11 -31.94 -34.20
C ASN A 104 -2.27 -32.94 -34.08
N PHE A 105 -3.42 -32.48 -33.60
CA PHE A 105 -4.55 -33.38 -33.40
C PHE A 105 -4.99 -34.00 -34.71
N ASN A 106 -5.10 -33.19 -35.77
CA ASN A 106 -5.52 -33.72 -37.06
C ASN A 106 -4.50 -34.70 -37.61
N ASN A 107 -3.21 -34.40 -37.46
CA ASN A 107 -2.17 -35.25 -38.02
C ASN A 107 -2.23 -36.65 -37.43
N LEU A 108 -2.46 -36.76 -36.12
CA LEU A 108 -2.47 -38.07 -35.48
C LEU A 108 -3.58 -38.95 -36.05
N PHE A 109 -4.77 -38.40 -36.21
CA PHE A 109 -5.91 -39.16 -36.71
C PHE A 109 -5.99 -39.20 -38.23
N CYS A 110 -5.14 -38.45 -38.93
CA CYS A 110 -5.10 -38.51 -40.39
C CYS A 110 -4.16 -39.62 -40.87
N HIS A 111 -2.93 -39.65 -40.36
CA HIS A 111 -2.01 -40.73 -40.71
C HIS A 111 -2.53 -42.07 -40.21
N PHE A 112 -3.12 -42.09 -39.02
CA PHE A 112 -3.60 -43.33 -38.44
C PHE A 112 -4.68 -44.00 -39.30
N THR A 113 -5.36 -43.24 -40.15
CA THR A 113 -6.44 -43.77 -40.97
C THR A 113 -6.14 -43.76 -42.47
N CYS A 114 -5.18 -42.96 -42.93
CA CYS A 114 -4.91 -42.83 -44.35
C CYS A 114 -3.44 -42.97 -44.73
N ALA A 115 -2.53 -43.08 -43.77
CA ALA A 115 -1.12 -43.21 -44.10
C ALA A 115 -0.90 -44.44 -44.97
N ALA A 116 -0.07 -44.29 -46.00
CA ALA A 116 0.17 -45.38 -46.93
C ALA A 116 0.76 -46.60 -46.22
N ASP A 117 1.74 -46.37 -45.35
CA ASP A 117 2.34 -47.44 -44.57
C ASP A 117 1.63 -47.62 -43.23
N GLN A 118 0.32 -47.81 -43.29
CA GLN A 118 -0.47 -47.92 -42.06
C GLN A 118 -0.05 -49.15 -41.25
N GLY A 119 0.17 -50.27 -41.92
CA GLY A 119 0.50 -51.50 -41.21
C GLY A 119 1.84 -51.47 -40.51
N ARG A 120 2.72 -50.53 -40.88
CA ARG A 120 4.04 -50.48 -40.27
C ARG A 120 3.94 -50.19 -38.78
N PHE A 121 3.04 -49.31 -38.38
CA PHE A 121 2.88 -48.93 -36.98
C PHE A 121 1.48 -49.26 -36.45
N VAL A 122 0.77 -50.18 -37.10
CA VAL A 122 -0.56 -50.58 -36.68
C VAL A 122 -0.62 -52.10 -36.66
N ASN A 123 -1.16 -52.66 -35.58
CA ASN A 123 -1.37 -54.09 -35.46
C ASN A 123 -2.78 -54.34 -34.95
N ILE A 124 -3.38 -55.43 -35.43
CA ILE A 124 -4.75 -55.79 -35.08
C ILE A 124 -4.69 -56.86 -34.01
N THR A 125 -5.08 -56.49 -32.78
CA THR A 125 -5.07 -57.46 -31.68
C THR A 125 -6.23 -58.44 -31.81
N LYS A 126 -7.41 -57.95 -32.15
CA LYS A 126 -8.59 -58.80 -32.24
C LYS A 126 -9.49 -58.29 -33.35
N VAL A 127 -10.12 -59.22 -34.06
CA VAL A 127 -11.06 -58.92 -35.14
C VAL A 127 -12.35 -59.67 -34.88
N GLU A 128 -13.47 -58.96 -34.98
CA GLU A 128 -14.79 -59.53 -34.71
C GLU A 128 -15.62 -59.57 -35.99
N LYS A 129 -16.66 -60.40 -35.96
CA LYS A 129 -17.54 -60.55 -37.11
C LYS A 129 -18.61 -59.48 -37.12
N SER A 130 -18.99 -59.03 -38.32
CA SER A 130 -19.99 -57.99 -38.50
C SER A 130 -21.33 -58.61 -38.85
N LYS A 131 -22.32 -57.75 -39.08
CA LYS A 131 -23.66 -58.22 -39.42
C LYS A 131 -23.67 -58.95 -40.76
N GLU A 132 -22.89 -58.45 -41.72
CA GLU A 132 -22.82 -59.03 -43.06
C GLU A 132 -21.91 -60.25 -43.13
N ASP A 133 -21.56 -60.85 -41.99
CA ASP A 133 -20.65 -61.99 -41.95
C ASP A 133 -19.28 -61.63 -42.54
N LYS A 134 -18.89 -60.37 -42.40
CA LYS A 134 -17.59 -59.89 -42.85
C LYS A 134 -16.79 -59.45 -41.63
N ASP A 135 -15.53 -59.87 -41.57
CA ASP A 135 -14.70 -59.59 -40.42
C ASP A 135 -14.48 -58.09 -40.27
N ILE A 136 -14.49 -57.62 -39.02
CA ILE A 136 -14.22 -56.22 -38.70
C ILE A 136 -13.31 -56.17 -37.49
N VAL A 137 -12.61 -55.05 -37.34
CA VAL A 137 -11.62 -54.89 -36.29
C VAL A 137 -12.30 -54.43 -35.01
N ALA A 138 -11.86 -54.99 -33.88
CA ALA A 138 -12.35 -54.62 -32.57
C ALA A 138 -11.28 -54.02 -31.67
N GLU A 139 -10.03 -54.45 -31.78
CA GLU A 139 -8.93 -53.90 -31.01
C GLU A 139 -7.73 -53.70 -31.93
N LEU A 140 -6.92 -52.69 -31.59
CA LEU A 140 -5.76 -52.33 -32.41
C LEU A 140 -4.59 -51.96 -31.50
N ASP A 141 -3.39 -52.11 -32.03
CA ASP A 141 -2.17 -51.77 -31.32
C ASP A 141 -1.30 -50.90 -32.21
N VAL A 142 -0.78 -49.80 -31.65
CA VAL A 142 0.07 -48.88 -32.38
C VAL A 142 1.29 -48.55 -31.54
N PHE A 143 2.35 -48.12 -32.22
CA PHE A 143 3.62 -47.79 -31.59
C PHE A 143 4.09 -46.43 -32.08
N MET A 144 4.52 -45.58 -31.16
CA MET A 144 5.04 -44.27 -31.53
C MET A 144 6.13 -43.87 -30.55
N ASN A 145 7.01 -42.99 -31.01
CA ASN A 145 8.09 -42.49 -30.17
C ASN A 145 7.53 -41.70 -29.00
N SER A 146 8.09 -41.94 -27.81
CA SER A 146 7.63 -41.22 -26.63
C SER A 146 7.83 -39.72 -26.76
N SER A 147 8.85 -39.31 -27.53
CA SER A 147 9.07 -37.89 -27.77
C SER A 147 7.86 -37.26 -28.46
N TRP A 148 7.31 -37.95 -29.45
CA TRP A 148 6.13 -37.45 -30.14
C TRP A 148 4.97 -37.27 -29.17
N ALA A 149 4.70 -38.28 -28.34
CA ALA A 149 3.60 -38.20 -27.40
C ALA A 149 3.82 -37.09 -26.38
N SER A 150 5.05 -36.96 -25.88
CA SER A 150 5.33 -35.91 -24.89
C SER A 150 5.07 -34.53 -25.48
N GLU A 151 5.52 -34.30 -26.71
CA GLU A 151 5.25 -33.01 -27.34
C GLU A 151 3.76 -32.81 -27.59
N PHE A 152 3.07 -33.87 -28.05
CA PHE A 152 1.65 -33.75 -28.34
C PHE A 152 0.87 -33.33 -27.11
N TYR A 153 1.16 -33.96 -25.96
CA TYR A 153 0.48 -33.60 -24.72
C TYR A 153 0.81 -32.17 -24.31
N ASP A 154 2.06 -31.75 -24.51
CA ASP A 154 2.46 -30.41 -24.11
C ASP A 154 1.68 -29.35 -24.87
N SER A 155 1.45 -29.58 -26.16
CA SER A 155 0.76 -28.57 -26.97
C SER A 155 -0.64 -28.31 -26.46
N CYS A 156 -1.38 -29.36 -26.11
CA CYS A 156 -2.77 -29.24 -25.69
C CYS A 156 -2.94 -29.31 -24.18
N LYS A 157 -1.84 -29.22 -23.42
CA LYS A 157 -1.93 -29.36 -21.97
C LYS A 157 -2.63 -28.16 -21.33
N ASN A 158 -2.32 -26.95 -21.79
CA ASN A 158 -2.76 -25.73 -21.13
C ASN A 158 -3.86 -25.01 -21.89
N ILE A 159 -4.54 -25.68 -22.82
CA ILE A 159 -5.65 -25.06 -23.51
C ILE A 159 -6.75 -24.75 -22.52
N LYS A 160 -7.29 -23.53 -22.59
CA LYS A 160 -8.33 -23.08 -21.68
C LYS A 160 -9.63 -22.87 -22.45
N PHE A 161 -10.70 -23.47 -21.94
CA PHE A 161 -12.03 -23.33 -22.54
C PHE A 161 -12.70 -22.08 -22.01
N SER A 162 -13.33 -21.31 -22.92
CA SER A 162 -13.89 -20.02 -22.54
C SER A 162 -15.00 -20.16 -21.51
N ALA A 163 -15.89 -21.14 -21.71
CA ALA A 163 -17.09 -21.23 -20.89
C ALA A 163 -16.91 -22.09 -19.65
N THR A 164 -15.99 -23.06 -19.67
CA THR A 164 -15.82 -23.96 -18.54
C THR A 164 -15.03 -23.34 -17.40
N ASN A 165 -14.34 -22.24 -17.64
CA ASN A 165 -13.50 -21.60 -16.63
C ASN A 165 -12.47 -22.60 -16.08
N GLY A 166 -11.91 -23.40 -16.98
CA GLY A 166 -10.93 -24.40 -16.61
C GLY A 166 -10.27 -24.96 -17.85
N TYR A 167 -9.23 -25.76 -17.61
CA TYR A 167 -8.47 -26.32 -18.72
C TYR A 167 -9.37 -27.19 -19.59
N ALA A 168 -9.17 -27.10 -20.90
CA ALA A 168 -9.95 -27.90 -21.84
C ALA A 168 -9.61 -29.38 -21.74
N MET A 169 -8.56 -29.75 -21.03
CA MET A 169 -8.21 -31.15 -20.88
C MET A 169 -9.35 -31.94 -20.23
N ASP A 170 -10.14 -31.29 -19.38
CA ASP A 170 -11.24 -31.99 -18.72
C ASP A 170 -12.24 -32.51 -19.74
N LEU A 171 -12.58 -31.69 -20.74
CA LEU A 171 -13.55 -32.11 -21.74
C LEU A 171 -12.97 -33.17 -22.66
N ILE A 172 -11.75 -32.95 -23.14
CA ILE A 172 -11.14 -33.81 -24.15
C ILE A 172 -10.26 -34.88 -23.51
N GLY A 173 -9.47 -34.51 -22.51
CA GLY A 173 -8.53 -35.41 -21.87
C GLY A 173 -9.00 -35.99 -20.55
N GLY A 174 -10.16 -35.59 -20.06
CA GLY A 174 -10.65 -36.12 -18.79
C GLY A 174 -9.74 -35.82 -17.63
N GLY A 175 -9.13 -34.64 -17.62
CA GLY A 175 -8.26 -34.26 -16.52
C GLY A 175 -6.92 -34.97 -16.50
N ALA A 176 -6.54 -35.64 -17.57
CA ALA A 176 -5.28 -36.36 -17.60
C ALA A 176 -4.12 -35.42 -17.35
N LYS A 177 -3.22 -35.81 -16.45
CA LYS A 177 -2.03 -35.04 -16.13
C LYS A 177 -0.75 -35.68 -16.64
N ASN A 178 -0.83 -36.84 -17.27
CA ASN A 178 0.32 -37.55 -17.80
C ASN A 178 0.09 -37.87 -19.27
N TYR A 179 1.15 -37.71 -20.07
CA TYR A 179 1.02 -38.00 -21.50
C TYR A 179 0.61 -39.45 -21.74
N SER A 180 1.05 -40.35 -20.86
CA SER A 180 0.78 -41.77 -21.07
C SER A 180 -0.71 -42.06 -21.04
N GLN A 181 -1.42 -41.50 -20.06
CA GLN A 181 -2.86 -41.74 -19.93
C GLN A 181 -3.69 -40.83 -20.83
N PHE A 182 -3.12 -39.77 -21.39
CA PHE A 182 -3.87 -38.92 -22.31
C PHE A 182 -4.29 -39.72 -23.54
N LEU A 183 -3.32 -40.38 -24.19
CA LEU A 183 -3.66 -41.21 -25.34
C LEU A 183 -4.60 -42.34 -24.95
N LYS A 184 -4.50 -42.83 -23.71
CA LYS A 184 -5.35 -43.92 -23.27
C LYS A 184 -6.83 -43.53 -23.34
N PHE A 185 -7.15 -42.30 -22.91
CA PHE A 185 -8.54 -41.85 -23.01
C PHE A 185 -8.98 -41.83 -24.47
N LEU A 186 -8.14 -41.31 -25.36
CA LEU A 186 -8.50 -41.28 -26.77
C LEU A 186 -8.73 -42.69 -27.31
N GLY A 187 -7.93 -43.64 -26.84
CA GLY A 187 -8.07 -45.02 -27.27
C GLY A 187 -9.15 -45.81 -26.56
N ASP A 188 -9.76 -45.24 -25.52
CA ASP A 188 -10.82 -45.95 -24.81
C ASP A 188 -12.03 -46.18 -25.70
N ALA A 189 -12.58 -47.38 -25.65
CA ALA A 189 -13.73 -47.75 -26.48
C ALA A 189 -15.00 -47.40 -25.72
N LYS A 190 -15.58 -46.25 -26.04
CA LYS A 190 -16.84 -45.80 -25.43
C LYS A 190 -17.78 -45.34 -26.54
N PRO A 191 -18.25 -46.27 -27.36
CA PRO A 191 -19.17 -45.87 -28.45
C PRO A 191 -20.45 -45.21 -27.96
N MET A 192 -20.93 -45.58 -26.78
CA MET A 192 -22.16 -45.00 -26.27
C MET A 192 -22.02 -43.49 -26.06
N LEU A 193 -20.88 -43.05 -25.53
CA LEU A 193 -20.63 -41.65 -25.27
C LEU A 193 -19.90 -40.95 -26.41
N GLY A 194 -20.00 -41.48 -27.62
CA GLY A 194 -19.34 -40.88 -28.76
C GLY A 194 -17.88 -41.22 -28.90
N GLY A 195 -17.36 -42.16 -28.11
CA GLY A 195 -15.97 -42.54 -28.18
C GLY A 195 -15.68 -43.46 -29.35
N SER A 196 -14.43 -43.90 -29.42
CA SER A 196 -14.02 -44.77 -30.51
C SER A 196 -14.78 -46.09 -30.42
N PRO A 197 -15.40 -46.56 -31.51
CA PRO A 197 -16.14 -47.82 -31.44
C PRO A 197 -15.26 -49.01 -31.07
N PHE A 198 -14.00 -49.02 -31.48
CA PHE A 198 -13.08 -50.12 -31.23
C PHE A 198 -11.96 -49.65 -30.32
N GLN A 199 -11.54 -50.51 -29.40
CA GLN A 199 -10.47 -50.16 -28.48
C GLN A 199 -9.16 -49.95 -29.23
N ILE A 200 -8.38 -48.99 -28.77
CA ILE A 200 -7.09 -48.67 -29.36
C ILE A 200 -6.06 -48.64 -28.23
N ASN A 201 -4.93 -49.33 -28.44
CA ASN A 201 -3.86 -49.41 -27.47
C ASN A 201 -2.58 -48.84 -28.07
N TYR A 202 -1.90 -48.01 -27.28
CA TYR A 202 -0.68 -47.33 -27.71
C TYR A 202 0.48 -47.83 -26.87
N LYS A 203 1.60 -48.16 -27.54
CA LYS A 203 2.81 -48.62 -26.87
C LYS A 203 3.89 -47.55 -27.01
N TYR A 204 4.46 -47.15 -25.89
CA TYR A 204 5.49 -46.12 -25.88
C TYR A 204 6.90 -46.69 -25.94
N ASP A 205 7.06 -48.01 -25.88
CA ASP A 205 8.36 -48.65 -25.94
C ASP A 205 8.29 -49.86 -26.86
N LEU A 206 9.29 -50.00 -27.72
CA LEU A 206 9.33 -51.12 -28.66
C LEU A 206 10.80 -51.37 -29.03
N ALA A 207 11.36 -52.44 -28.47
CA ALA A 207 12.73 -52.86 -28.81
C ALA A 207 12.67 -53.69 -30.09
N ASN A 208 12.42 -52.98 -31.20
CA ASN A 208 12.20 -53.62 -32.50
C ASN A 208 13.54 -54.06 -33.08
N GLU A 209 14.13 -55.08 -32.44
CA GLU A 209 15.32 -55.71 -33.01
C GLU A 209 15.01 -56.35 -34.36
N GLU A 210 13.83 -56.96 -34.47
CA GLU A 210 13.42 -57.55 -35.75
C GLU A 210 13.20 -56.46 -36.80
N LYS A 211 12.70 -55.30 -36.38
CA LYS A 211 12.44 -54.16 -37.25
C LYS A 211 11.32 -54.43 -38.25
N GLU A 212 10.48 -55.45 -38.00
CA GLU A 212 9.37 -55.72 -38.90
C GLU A 212 8.38 -54.56 -38.90
N TRP A 213 8.10 -53.99 -37.73
CA TRP A 213 7.17 -52.88 -37.58
C TRP A 213 7.94 -51.61 -37.26
N GLN A 214 7.60 -50.52 -37.94
CA GLN A 214 8.26 -49.24 -37.77
C GLN A 214 7.46 -48.38 -36.81
N GLU A 215 8.14 -47.76 -35.84
CA GLU A 215 7.49 -46.88 -34.90
C GLU A 215 6.92 -45.65 -35.59
N PHE A 216 5.84 -45.11 -35.03
CA PHE A 216 5.18 -43.94 -35.60
C PHE A 216 5.92 -42.68 -35.13
N ASN A 217 6.56 -41.99 -36.06
CA ASN A 217 7.23 -40.73 -35.78
C ASN A 217 6.89 -39.73 -36.87
N ASP A 218 6.59 -38.50 -36.47
CA ASP A 218 6.20 -37.46 -37.41
C ASP A 218 6.48 -36.10 -36.78
N GLU A 219 6.40 -35.07 -37.60
CA GLU A 219 6.66 -33.71 -37.13
C GLU A 219 5.71 -33.34 -36.01
N VAL A 220 6.23 -32.60 -35.04
CA VAL A 220 5.47 -32.14 -33.88
C VAL A 220 5.59 -30.63 -33.80
N TYR A 221 4.47 -29.94 -33.58
CA TYR A 221 4.42 -28.50 -33.51
C TYR A 221 4.09 -28.06 -32.09
N ALA A 222 4.92 -27.19 -31.53
CA ALA A 222 4.67 -26.59 -30.23
C ALA A 222 4.18 -25.16 -30.42
N CYS A 223 3.61 -24.61 -29.35
CA CYS A 223 3.01 -23.28 -29.45
C CYS A 223 4.04 -22.20 -29.80
N ASP A 224 5.32 -22.45 -29.55
CA ASP A 224 6.34 -21.46 -29.86
C ASP A 224 6.54 -21.28 -31.36
N ASP A 225 6.10 -22.24 -32.17
CA ASP A 225 6.34 -22.18 -33.60
C ASP A 225 5.76 -20.90 -34.20
N ALA A 226 6.55 -20.26 -35.07
CA ALA A 226 6.10 -19.02 -35.70
C ALA A 226 4.89 -19.27 -36.59
N GLN A 227 4.91 -20.35 -37.38
CA GLN A 227 3.78 -20.64 -38.26
C GLN A 227 2.51 -20.90 -37.47
N TYR A 228 2.63 -21.65 -36.37
CA TYR A 228 1.49 -22.03 -35.55
C TYR A 228 1.60 -21.43 -34.15
N LYS A 229 1.96 -20.16 -34.07
CA LYS A 229 2.06 -19.50 -32.79
C LYS A 229 0.72 -19.52 -32.07
N CYS A 230 0.76 -19.64 -30.75
CA CYS A 230 -0.44 -19.65 -29.93
C CYS A 230 -0.31 -18.60 -28.83
N ALA A 231 -1.46 -18.15 -28.33
CA ALA A 231 -1.48 -17.08 -27.36
C ALA A 231 -0.86 -17.53 -26.04
N CYS A 232 -0.48 -16.55 -25.22
CA CYS A 232 0.07 -16.87 -23.91
C CYS A 232 -0.92 -17.63 -23.06
N SER A 233 -2.20 -17.24 -23.12
CA SER A 233 -3.23 -17.95 -22.36
C SER A 233 -3.29 -19.42 -22.75
N ASP A 234 -3.00 -19.75 -24.01
CA ASP A 234 -3.09 -21.13 -24.45
C ASP A 234 -2.00 -21.99 -23.85
N CYS A 235 -0.75 -21.52 -23.88
CA CYS A 235 0.37 -22.29 -23.38
C CYS A 235 1.35 -21.38 -22.64
N GLN A 236 2.05 -21.97 -21.67
CA GLN A 236 2.98 -21.20 -20.85
C GLN A 236 4.16 -20.68 -21.66
N GLU A 237 4.66 -21.50 -22.59
CA GLU A 237 5.90 -21.14 -23.29
C GLU A 237 5.78 -19.80 -23.99
N SER A 238 4.65 -19.55 -24.66
CA SER A 238 4.48 -18.33 -25.43
C SER A 238 4.35 -17.10 -24.55
N CYS A 239 4.20 -17.26 -23.24
CA CYS A 239 4.06 -16.12 -22.35
C CYS A 239 5.41 -15.42 -22.17
N PRO A 240 5.40 -14.16 -21.73
CA PRO A 240 6.67 -13.42 -21.61
C PRO A 240 7.53 -13.93 -20.48
N HIS A 241 8.66 -14.54 -20.83
CA HIS A 241 9.65 -14.95 -19.84
C HIS A 241 10.59 -13.80 -19.47
N LEU A 242 10.41 -12.62 -20.08
CA LEU A 242 11.26 -11.47 -19.78
C LEU A 242 10.91 -10.90 -18.42
N LYS A 243 11.17 -11.67 -17.36
CA LYS A 243 10.86 -11.28 -15.99
C LYS A 243 12.17 -11.17 -15.22
N PRO A 244 12.88 -10.05 -15.36
CA PRO A 244 14.13 -9.89 -14.60
C PRO A 244 13.86 -9.82 -13.11
N LEU A 245 14.29 -10.85 -12.38
CA LEU A 245 14.00 -10.94 -10.95
C LEU A 245 14.72 -9.80 -10.22
N LYS A 246 13.95 -8.81 -9.76
CA LYS A 246 14.53 -7.72 -9.01
C LYS A 246 15.20 -8.24 -7.74
N ASP A 247 16.40 -7.76 -7.47
CA ASP A 247 17.20 -8.26 -6.36
C ASP A 247 17.82 -7.09 -5.62
N GLY A 248 18.27 -7.35 -4.40
CA GLY A 248 18.89 -6.35 -3.56
C GLY A 248 17.92 -5.57 -2.70
N VAL A 249 16.62 -5.78 -2.86
CA VAL A 249 15.64 -5.06 -2.04
C VAL A 249 15.78 -5.47 -0.58
N CYS A 250 15.90 -6.77 -0.32
CA CYS A 250 15.95 -7.28 1.04
C CYS A 250 17.39 -7.30 1.54
N LYS A 251 17.59 -7.86 2.73
CA LYS A 251 18.91 -7.94 3.33
C LYS A 251 19.67 -9.15 2.78
N VAL A 252 20.98 -9.16 3.06
CA VAL A 252 21.86 -10.24 2.63
C VAL A 252 22.54 -10.80 3.87
N GLY A 253 22.59 -12.13 3.96
CA GLY A 253 23.20 -12.80 5.09
C GLY A 253 22.29 -12.77 6.30
N PRO A 254 22.84 -13.13 7.46
CA PRO A 254 22.03 -13.11 8.69
C PRO A 254 21.91 -11.74 9.33
N LEU A 255 22.51 -10.71 8.76
CA LEU A 255 22.45 -9.35 9.26
C LEU A 255 22.15 -8.40 8.12
N PRO A 256 21.63 -7.21 8.42
CA PRO A 256 21.36 -6.24 7.35
C PRO A 256 22.63 -5.87 6.61
N CYS A 257 22.46 -5.51 5.33
CA CYS A 257 23.62 -5.20 4.49
C CYS A 257 24.43 -4.05 5.07
N PHE A 258 23.75 -2.99 5.53
CA PHE A 258 24.47 -1.85 6.09
C PHE A 258 25.22 -2.24 7.35
N SER A 259 24.61 -3.07 8.20
CA SER A 259 25.27 -3.46 9.44
C SER A 259 26.57 -4.20 9.16
N LEU A 260 26.57 -5.09 8.18
CA LEU A 260 27.80 -5.80 7.83
C LEU A 260 28.86 -4.83 7.32
N SER A 261 28.44 -3.82 6.55
CA SER A 261 29.39 -2.81 6.08
C SER A 261 30.01 -2.06 7.26
N VAL A 262 29.20 -1.73 8.27
CA VAL A 262 29.73 -1.06 9.45
C VAL A 262 30.66 -1.98 10.22
N LEU A 263 30.28 -3.26 10.36
CA LEU A 263 31.07 -4.19 11.15
C LEU A 263 32.47 -4.35 10.56
N ILE A 264 32.57 -4.48 9.24
CA ILE A 264 33.88 -4.56 8.62
C ILE A 264 34.64 -3.24 8.80
N PHE A 265 33.93 -2.11 8.78
CA PHE A 265 34.58 -0.83 8.98
C PHE A 265 35.25 -0.76 10.36
N TYR A 266 34.57 -1.28 11.38
CA TYR A 266 35.19 -1.32 12.71
C TYR A 266 36.40 -2.24 12.72
N THR A 267 36.32 -3.37 12.02
CA THR A 267 37.44 -4.31 12.01
C THR A 267 38.69 -3.67 11.41
N ILE A 268 38.54 -3.01 10.26
CA ILE A 268 39.68 -2.32 9.66
C ILE A 268 40.13 -1.16 10.56
N CYS A 269 39.18 -0.51 11.21
CA CYS A 269 39.54 0.54 12.16
C CYS A 269 40.37 -0.01 13.30
N ALA A 270 40.02 -1.19 13.81
CA ALA A 270 40.80 -1.80 14.88
C ALA A 270 42.21 -2.12 14.42
N LEU A 271 42.37 -2.61 13.19
CA LEU A 271 43.71 -2.91 12.69
C LEU A 271 44.57 -1.67 12.65
N PHE A 272 44.00 -0.53 12.22
CA PHE A 272 44.76 0.71 12.25
C PHE A 272 45.15 1.08 13.68
N ALA A 273 44.22 0.92 14.63
CA ALA A 273 44.55 1.18 16.03
C ALA A 273 45.63 0.23 16.52
N PHE A 274 45.58 -1.03 16.12
CA PHE A 274 46.62 -1.96 16.49
C PHE A 274 47.98 -1.50 15.98
N MET A 275 48.01 -0.90 14.79
CA MET A 275 49.27 -0.36 14.28
C MET A 275 49.70 0.85 15.10
N TRP A 276 48.73 1.64 15.57
CA TRP A 276 49.06 2.77 16.43
C TRP A 276 49.68 2.32 17.74
N TYR A 277 49.15 1.24 18.32
CA TYR A 277 49.71 0.72 19.56
C TYR A 277 51.16 0.30 19.37
N TYR A 278 51.44 -0.43 18.30
CA TYR A 278 52.82 -0.81 18.00
C TYR A 278 53.62 0.36 17.46
N LEU A 279 53.01 1.17 16.58
CA LEU A 279 53.71 2.29 15.95
C LEU A 279 54.96 1.83 15.24
N VAL A 308 40.65 34.69 5.03
CA VAL A 308 41.50 34.46 6.18
C VAL A 308 40.66 34.47 7.45
N PHE A 309 41.08 33.69 8.44
CA PHE A 309 40.34 33.63 9.70
C PHE A 309 40.31 34.98 10.40
N GLU A 310 41.45 35.70 10.38
CA GLU A 310 41.51 36.99 11.05
C GLU A 310 40.50 37.96 10.45
N SER A 311 40.37 37.97 9.12
CA SER A 311 39.41 38.86 8.49
C SER A 311 37.98 38.51 8.92
N PHE A 312 37.65 37.22 8.93
CA PHE A 312 36.32 36.81 9.37
C PHE A 312 36.10 37.14 10.84
N ASN A 313 37.11 36.92 11.68
CA ASN A 313 36.96 37.20 13.10
C ASN A 313 36.69 38.68 13.35
N ASN A 314 37.41 39.56 12.64
CA ASN A 314 37.20 41.00 12.83
C ASN A 314 35.79 41.39 12.40
N GLU A 315 35.36 40.93 11.22
CA GLU A 315 34.01 41.24 10.77
C GLU A 315 32.97 40.63 11.71
N THR A 316 33.17 39.37 12.11
CA THR A 316 32.24 38.73 13.04
C THR A 316 32.27 39.42 14.39
N ASN A 317 33.46 39.82 14.85
CA ASN A 317 33.56 40.50 16.14
C ASN A 317 32.77 41.81 16.12
N PHE A 318 32.91 42.59 15.05
CA PHE A 318 32.13 43.81 14.93
C PHE A 318 30.63 43.50 14.86
N PHE A 319 30.27 42.46 14.09
CA PHE A 319 28.86 42.06 14.02
C PHE A 319 28.35 41.61 15.37
N ASN A 320 29.14 40.80 16.09
CA ASN A 320 28.71 40.33 17.40
C ASN A 320 28.52 41.48 18.36
N GLY A 321 29.45 42.44 18.37
CA GLY A 321 29.30 43.59 19.23
C GLY A 321 28.06 44.41 18.89
N LYS A 322 27.84 44.64 17.59
CA LYS A 322 26.69 45.42 17.18
C LYS A 322 25.39 44.85 17.73
N LEU A 323 25.29 43.52 17.80
CA LEU A 323 24.11 42.90 18.39
C LEU A 323 23.95 43.29 19.85
N ALA A 324 25.06 43.33 20.60
CA ALA A 324 24.99 43.67 22.01
C ALA A 324 24.42 45.07 22.22
N ASN A 325 24.88 46.04 21.42
CA ASN A 325 24.34 47.40 21.55
C ASN A 325 22.87 47.44 21.14
N LEU A 326 22.51 46.68 20.11
CA LEU A 326 21.11 46.63 19.69
C LEU A 326 20.22 46.06 20.79
N PHE A 327 20.68 45.01 21.46
CA PHE A 327 19.83 44.35 22.45
C PHE A 327 19.71 45.17 23.72
N THR A 328 20.81 45.74 24.20
CA THR A 328 20.73 46.57 25.39
C THR A 328 19.83 47.78 25.17
N LYS A 329 19.83 48.32 23.96
CA LYS A 329 18.94 49.45 23.67
C LYS A 329 17.49 49.05 23.80
N VAL A 330 17.13 47.84 23.34
CA VAL A 330 15.76 47.36 23.48
C VAL A 330 15.38 47.28 24.96
N GLY A 331 16.27 46.73 25.78
CA GLY A 331 15.98 46.64 27.21
C GLY A 331 15.77 48.01 27.83
N GLN A 332 16.58 48.99 27.45
CA GLN A 332 16.40 50.34 27.98
C GLN A 332 15.05 50.91 27.56
N PHE A 333 14.66 50.71 26.30
CA PHE A 333 13.38 51.22 25.83
C PHE A 333 12.22 50.56 26.58
N SER A 334 12.32 49.24 26.80
CA SER A 334 11.24 48.53 27.49
C SER A 334 11.21 48.88 28.97
N VAL A 335 12.38 48.89 29.62
CA VAL A 335 12.41 49.13 31.06
C VAL A 335 12.04 50.58 31.37
N GLU A 336 12.47 51.52 30.53
CA GLU A 336 12.16 52.92 30.76
C GLU A 336 10.68 53.23 30.57
N ASN A 337 9.95 52.38 29.84
CA ASN A 337 8.53 52.57 29.59
C ASN A 337 7.80 51.26 29.87
N PRO A 338 7.74 50.85 31.14
CA PRO A 338 7.11 49.55 31.44
C PRO A 338 5.63 49.50 31.07
N TYR A 339 4.86 50.51 31.47
CA TYR A 339 3.42 50.48 31.23
C TYR A 339 3.10 50.54 29.74
N LYS A 340 3.91 51.26 28.97
CA LYS A 340 3.59 51.46 27.56
C LYS A 340 3.53 50.14 26.80
N ILE A 341 4.49 49.25 27.02
CA ILE A 341 4.49 47.98 26.30
C ILE A 341 3.60 46.93 26.96
N LEU A 342 3.22 47.12 28.22
CA LEU A 342 2.36 46.16 28.88
C LEU A 342 0.90 46.32 28.45
N ILE A 343 0.44 47.56 28.28
CA ILE A 343 -0.92 47.78 27.81
C ILE A 343 -1.07 47.25 26.39
N THR A 344 -0.08 47.50 25.54
CA THR A 344 -0.15 47.03 24.16
C THR A 344 -0.25 45.50 24.10
N THR A 345 0.54 44.80 24.92
CA THR A 345 0.49 43.35 24.92
C THR A 345 -0.88 42.83 25.32
N VAL A 346 -1.46 43.42 26.37
CA VAL A 346 -2.78 42.99 26.82
C VAL A 346 -3.83 43.30 25.77
N PHE A 347 -3.75 44.49 25.17
CA PHE A 347 -4.71 44.86 24.14
C PHE A 347 -4.57 43.97 22.91
N SER A 348 -3.32 43.70 22.49
CA SER A 348 -3.12 42.94 21.27
C SER A 348 -3.66 41.51 21.40
N ILE A 349 -3.42 40.88 22.55
CA ILE A 349 -3.85 39.49 22.73
C ILE A 349 -5.37 39.41 22.65
N PHE A 350 -6.08 40.40 23.19
CA PHE A 350 -7.53 40.42 23.07
C PHE A 350 -7.95 40.56 21.61
N VAL A 351 -7.22 41.37 20.84
CA VAL A 351 -7.53 41.51 19.42
C VAL A 351 -7.36 40.17 18.72
N PHE A 352 -6.24 39.48 18.98
CA PHE A 352 -6.00 38.20 18.32
C PHE A 352 -6.94 37.13 18.83
N SER A 353 -7.21 37.10 20.13
CA SER A 353 -8.15 36.13 20.68
C SER A 353 -9.55 36.31 20.08
N PHE A 354 -9.88 37.50 19.60
CA PHE A 354 -11.16 37.71 18.95
C PHE A 354 -11.25 36.93 17.64
N ILE A 355 -10.17 36.92 16.86
CA ILE A 355 -10.20 36.24 15.57
C ILE A 355 -10.43 34.75 15.73
N ILE A 356 -9.69 34.12 16.64
CA ILE A 356 -9.80 32.67 16.78
C ILE A 356 -11.16 32.29 17.31
N PHE A 357 -11.75 33.11 18.18
CA PHE A 357 -13.01 32.74 18.81
C PHE A 357 -14.13 32.59 17.78
N GLN A 358 -14.25 33.53 16.86
CA GLN A 358 -15.36 33.56 15.93
C GLN A 358 -14.95 33.57 14.47
N TYR A 359 -13.94 34.36 14.10
CA TYR A 359 -13.66 34.57 12.69
C TYR A 359 -13.20 33.29 12.01
N ALA A 360 -12.39 32.49 12.68
CA ALA A 360 -11.85 31.28 12.07
C ALA A 360 -11.41 30.31 13.16
N THR A 361 -12.05 29.14 13.21
CA THR A 361 -11.61 28.06 14.09
C THR A 361 -12.12 26.77 13.46
N LEU A 362 -11.23 26.04 12.79
CA LEU A 362 -11.62 24.91 11.97
C LEU A 362 -10.70 23.72 12.25
N GLU A 363 -11.20 22.55 11.87
CA GLU A 363 -10.46 21.29 11.94
C GLU A 363 -10.45 20.66 10.55
N THR A 364 -10.06 19.39 10.47
CA THR A 364 -9.87 18.73 9.19
C THR A 364 -10.38 17.29 9.27
N ASP A 365 -10.21 16.56 8.16
CA ASP A 365 -10.64 15.19 7.99
C ASP A 365 -9.50 14.37 7.40
N PRO A 366 -9.60 13.04 7.44
CA PRO A 366 -8.42 12.20 7.15
C PRO A 366 -7.76 12.50 5.82
N ILE A 367 -8.53 12.74 4.76
CA ILE A 367 -7.94 12.98 3.44
C ILE A 367 -7.38 14.38 3.30
N ASN A 368 -7.58 15.25 4.28
CA ASN A 368 -7.04 16.60 4.24
C ASN A 368 -5.87 16.80 5.20
N LEU A 369 -5.63 15.87 6.12
CA LEU A 369 -4.54 16.00 7.09
C LEU A 369 -3.56 14.85 7.00
N TRP A 370 -3.60 14.05 5.94
CA TRP A 370 -2.60 13.01 5.75
C TRP A 370 -2.16 12.80 4.31
N VAL A 371 -2.63 13.61 3.37
CA VAL A 371 -2.23 13.49 1.97
C VAL A 371 -1.99 14.88 1.41
N SER A 372 -0.88 15.05 0.70
CA SER A 372 -0.58 16.32 0.07
C SER A 372 -1.37 16.46 -1.22
N LYS A 373 -2.04 17.59 -1.38
CA LYS A 373 -2.90 17.84 -2.54
C LYS A 373 -2.10 18.17 -3.80
N ASN A 374 -0.77 18.02 -3.77
CA ASN A 374 0.05 18.21 -4.95
C ASN A 374 0.73 16.93 -5.42
N SER A 375 0.70 15.87 -4.63
CA SER A 375 1.37 14.64 -5.01
C SER A 375 0.79 14.10 -6.32
N GLU A 376 1.50 13.14 -6.91
CA GLU A 376 1.02 12.51 -8.13
C GLU A 376 -0.12 11.53 -7.86
N LYS A 377 -0.15 10.94 -6.65
CA LYS A 377 -1.23 10.03 -6.33
C LYS A 377 -2.55 10.76 -6.08
N PHE A 378 -2.49 12.06 -5.86
CA PHE A 378 -3.73 12.83 -5.70
C PHE A 378 -4.18 13.46 -7.01
N LYS A 379 -3.25 13.69 -7.94
CA LYS A 379 -3.67 14.11 -9.27
C LYS A 379 -4.30 12.95 -10.03
N GLU A 380 -3.90 11.72 -9.71
CA GLU A 380 -4.52 10.53 -10.31
C GLU A 380 -5.87 10.24 -9.68
N LYS A 381 -6.01 10.44 -8.37
CA LYS A 381 -7.29 10.19 -7.71
C LYS A 381 -8.38 11.09 -8.29
N GLU A 382 -8.06 12.37 -8.52
CA GLU A 382 -9.05 13.29 -9.04
C GLU A 382 -9.47 12.90 -10.46
N TYR A 383 -8.52 12.46 -11.28
CA TYR A 383 -8.86 12.06 -12.65
C TYR A 383 -9.78 10.84 -12.64
N PHE A 384 -9.45 9.83 -11.84
CA PHE A 384 -10.29 8.65 -11.75
C PHE A 384 -11.68 9.01 -11.25
N ASP A 385 -11.77 9.87 -10.24
CA ASP A 385 -13.06 10.23 -9.67
C ASP A 385 -13.93 10.94 -10.68
N ASP A 386 -13.35 11.85 -11.46
CA ASP A 386 -14.15 12.64 -12.40
C ASP A 386 -14.81 11.75 -13.45
N ASN A 387 -14.06 10.83 -14.03
CA ASN A 387 -14.54 10.05 -15.17
C ASN A 387 -15.28 8.79 -14.76
N PHE A 388 -14.65 7.95 -13.92
CA PHE A 388 -15.20 6.66 -13.55
C PHE A 388 -15.90 6.68 -12.20
N GLY A 389 -16.19 7.86 -11.66
CA GLY A 389 -16.96 7.98 -10.45
C GLY A 389 -16.16 7.58 -9.23
N PRO A 390 -16.43 8.21 -8.09
CA PRO A 390 -15.68 7.85 -6.87
C PRO A 390 -15.92 6.40 -6.49
N PHE A 391 -14.93 5.81 -5.84
CA PHE A 391 -15.06 4.44 -5.38
C PHE A 391 -16.23 4.32 -4.41
N TYR A 392 -16.82 3.13 -4.35
CA TYR A 392 -18.00 2.92 -3.53
C TYR A 392 -17.68 3.13 -2.06
N ARG A 393 -18.63 3.74 -1.34
CA ARG A 393 -18.54 3.78 0.11
C ARG A 393 -18.89 2.41 0.67
N THR A 394 -18.03 1.87 1.53
CA THR A 394 -18.13 0.49 1.98
C THR A 394 -18.40 0.45 3.48
N GLU A 395 -19.48 -0.22 3.87
CA GLU A 395 -19.78 -0.56 5.25
C GLU A 395 -19.55 -2.05 5.44
N GLN A 396 -18.79 -2.41 6.46
CA GLN A 396 -18.44 -3.80 6.72
C GLN A 396 -18.86 -4.19 8.13
N ILE A 397 -19.38 -5.40 8.27
CA ILE A 397 -19.77 -5.94 9.57
C ILE A 397 -19.17 -7.33 9.69
N PHE A 398 -18.49 -7.59 10.81
CA PHE A 398 -17.94 -8.89 11.12
C PHE A 398 -18.76 -9.50 12.26
N VAL A 399 -19.15 -10.76 12.11
CA VAL A 399 -19.80 -11.51 13.18
C VAL A 399 -18.84 -12.64 13.54
N VAL A 400 -18.23 -12.54 14.71
CA VAL A 400 -17.09 -13.37 15.09
C VAL A 400 -17.43 -14.18 16.31
N ASN A 401 -17.22 -15.49 16.25
CA ASN A 401 -17.24 -16.36 17.41
C ASN A 401 -15.78 -16.64 17.75
N GLU A 402 -15.29 -16.00 18.82
CA GLU A 402 -13.87 -16.09 19.15
C GLU A 402 -13.40 -17.54 19.22
N THR A 403 -14.21 -18.41 19.80
CA THR A 403 -13.90 -19.82 19.94
C THR A 403 -14.97 -20.64 19.24
N GLY A 404 -14.54 -21.51 18.32
CA GLY A 404 -15.45 -22.41 17.64
C GLY A 404 -16.08 -21.81 16.40
N PRO A 405 -17.01 -22.54 15.80
CA PRO A 405 -17.67 -22.05 14.59
C PRO A 405 -18.74 -21.02 14.88
N VAL A 406 -19.15 -20.33 13.82
CA VAL A 406 -20.17 -19.29 13.89
C VAL A 406 -21.51 -19.78 13.36
N LEU A 407 -21.50 -20.43 12.20
CA LEU A 407 -22.73 -20.79 11.52
C LEU A 407 -23.49 -21.84 12.33
N SER A 408 -24.63 -21.44 12.89
CA SER A 408 -25.54 -22.35 13.55
C SER A 408 -26.95 -21.81 13.36
N TYR A 409 -27.94 -22.70 13.47
CA TYR A 409 -29.30 -22.30 13.14
C TYR A 409 -29.77 -21.17 14.03
N GLU A 410 -29.30 -21.12 15.28
CA GLU A 410 -29.67 -20.03 16.17
C GLU A 410 -29.07 -18.70 15.67
N THR A 411 -27.77 -18.69 15.38
CA THR A 411 -27.15 -17.47 14.87
C THR A 411 -27.66 -17.13 13.48
N LEU A 412 -27.82 -18.13 12.62
CA LEU A 412 -28.30 -17.86 11.27
C LEU A 412 -29.71 -17.30 11.30
N HIS A 413 -30.58 -17.85 12.15
CA HIS A 413 -31.93 -17.33 12.27
C HIS A 413 -31.92 -15.90 12.80
N TRP A 414 -31.03 -15.60 13.75
CA TRP A 414 -30.97 -14.26 14.32
C TRP A 414 -30.52 -13.24 13.28
N TRP A 415 -29.51 -13.58 12.48
CA TRP A 415 -28.97 -12.59 11.55
C TRP A 415 -29.96 -12.25 10.45
N PHE A 416 -30.72 -13.23 9.98
CA PHE A 416 -31.68 -12.97 8.90
C PHE A 416 -32.67 -11.88 9.28
N ASP A 417 -32.93 -11.68 10.56
CA ASP A 417 -33.86 -10.66 11.02
C ASP A 417 -33.20 -9.30 11.24
N VAL A 418 -31.87 -9.22 11.17
CA VAL A 418 -31.15 -7.96 11.30
C VAL A 418 -30.35 -7.61 10.05
N GLU A 419 -30.48 -8.39 8.98
CA GLU A 419 -30.02 -7.95 7.66
C GLU A 419 -31.17 -7.58 6.75
N ASN A 420 -32.38 -8.07 7.02
CA ASN A 420 -33.58 -7.59 6.36
C ASN A 420 -34.11 -6.32 7.01
N PHE A 421 -33.48 -5.84 8.07
CA PHE A 421 -33.83 -4.58 8.72
C PHE A 421 -32.89 -3.44 8.33
N ILE A 422 -31.60 -3.72 8.21
CA ILE A 422 -30.65 -2.69 7.80
C ILE A 422 -30.93 -2.26 6.36
N THR A 423 -31.16 -3.22 5.48
CA THR A 423 -31.21 -2.96 4.05
C THR A 423 -32.62 -2.68 3.54
N GLU A 424 -33.64 -2.71 4.38
CA GLU A 424 -35.00 -2.51 3.88
C GLU A 424 -35.78 -1.44 4.63
N GLU A 425 -35.66 -1.37 5.96
CA GLU A 425 -36.54 -0.50 6.74
C GLU A 425 -35.76 0.19 7.86
N LEU A 426 -34.58 0.73 7.56
CA LEU A 426 -33.88 1.53 8.56
C LEU A 426 -34.43 2.95 8.62
N GLN A 427 -34.57 3.60 7.47
CA GLN A 427 -35.30 4.86 7.36
C GLN A 427 -34.70 5.94 8.28
N SER A 428 -33.51 6.40 7.88
CA SER A 428 -32.86 7.48 8.60
C SER A 428 -33.79 8.69 8.71
N SER A 429 -33.49 9.61 9.62
CA SER A 429 -34.38 10.72 9.96
C SER A 429 -35.02 11.35 8.74
N GLU A 430 -34.27 11.50 7.65
CA GLU A 430 -34.78 12.08 6.43
C GLU A 430 -35.59 11.10 5.60
N ASN A 431 -35.94 9.94 6.15
CA ASN A 431 -36.73 8.93 5.44
C ASN A 431 -36.01 8.47 4.17
N ILE A 432 -34.71 8.26 4.27
CA ILE A 432 -33.91 7.70 3.20
C ILE A 432 -33.27 6.42 3.72
N GLY A 433 -33.51 5.30 3.04
CA GLY A 433 -33.01 4.01 3.44
C GLY A 433 -31.92 3.51 2.51
N TYR A 434 -31.46 2.30 2.80
CA TYR A 434 -30.44 1.68 1.97
C TYR A 434 -30.93 1.49 0.55
N GLN A 435 -32.25 1.38 0.35
CA GLN A 435 -32.79 1.16 -0.97
C GLN A 435 -32.75 2.40 -1.84
N ASP A 436 -32.46 3.56 -1.26
CA ASP A 436 -32.32 4.80 -2.02
C ASP A 436 -30.87 5.20 -2.25
N LEU A 437 -29.92 4.53 -1.60
CA LEU A 437 -28.50 4.84 -1.76
C LEU A 437 -27.67 3.65 -2.22
N CYS A 438 -28.22 2.44 -2.26
CA CYS A 438 -27.40 1.27 -2.50
C CYS A 438 -26.99 1.19 -3.96
N PHE A 439 -25.96 0.38 -4.21
CA PHE A 439 -25.35 0.29 -5.54
C PHE A 439 -26.14 -0.68 -6.41
N ARG A 440 -26.71 -0.17 -7.50
CA ARG A 440 -27.47 -0.98 -8.44
C ARG A 440 -26.66 -1.20 -9.69
N PRO A 441 -26.27 -2.43 -10.04
CA PRO A 441 -25.42 -2.62 -11.22
C PRO A 441 -26.02 -2.04 -12.49
N THR A 442 -27.33 -2.12 -12.65
CA THR A 442 -28.02 -1.64 -13.85
C THR A 442 -29.11 -0.65 -13.43
N GLU A 443 -29.89 -0.20 -14.42
CA GLU A 443 -30.98 0.72 -14.13
C GLU A 443 -32.06 0.06 -13.29
N ASP A 444 -32.37 -1.20 -13.57
CA ASP A 444 -33.41 -1.95 -12.88
C ASP A 444 -32.82 -3.28 -12.41
N SER A 445 -32.24 -3.28 -11.21
CA SER A 445 -31.63 -4.48 -10.66
C SER A 445 -31.54 -4.32 -9.14
N THR A 446 -31.90 -5.39 -8.42
CA THR A 446 -31.77 -5.36 -6.97
C THR A 446 -30.32 -5.07 -6.59
N CYS A 447 -30.13 -4.17 -5.64
CA CYS A 447 -28.80 -3.65 -5.40
C CYS A 447 -27.96 -4.64 -4.58
N VAL A 448 -26.66 -4.40 -4.59
CA VAL A 448 -25.67 -5.41 -4.20
C VAL A 448 -25.53 -5.45 -2.69
N ILE A 449 -25.68 -6.64 -2.11
CA ILE A 449 -25.33 -6.93 -0.73
C ILE A 449 -24.42 -8.14 -0.75
N GLU A 450 -23.20 -7.99 -0.22
CA GLU A 450 -22.21 -9.06 -0.28
C GLU A 450 -22.24 -9.87 1.01
N SER A 451 -23.35 -10.58 1.18
CA SER A 451 -23.58 -11.39 2.37
C SER A 451 -23.96 -12.81 1.98
N PHE A 452 -23.67 -13.75 2.88
CA PHE A 452 -24.03 -15.14 2.62
C PHE A 452 -25.54 -15.34 2.62
N THR A 453 -26.30 -14.37 3.14
CA THR A 453 -27.75 -14.46 3.10
C THR A 453 -28.26 -14.46 1.67
N GLN A 454 -27.51 -13.92 0.72
CA GLN A 454 -27.97 -13.86 -0.66
C GLN A 454 -28.01 -15.22 -1.33
N TYR A 455 -27.35 -16.22 -0.76
CA TYR A 455 -27.42 -17.56 -1.34
C TYR A 455 -28.85 -18.08 -1.33
N PHE A 456 -29.57 -17.85 -0.23
CA PHE A 456 -30.98 -18.19 -0.14
C PHE A 456 -31.87 -17.02 -0.56
N GLN A 457 -31.29 -15.93 -1.04
CA GLN A 457 -32.05 -14.76 -1.48
C GLN A 457 -32.91 -14.20 -0.36
N GLY A 458 -32.34 -14.15 0.85
CA GLY A 458 -33.06 -13.62 1.99
C GLY A 458 -34.29 -14.43 2.36
N ALA A 459 -34.17 -15.74 2.34
CA ALA A 459 -35.27 -16.65 2.69
C ALA A 459 -34.73 -17.66 3.69
N LEU A 460 -35.06 -17.48 4.96
CA LEU A 460 -34.59 -18.34 6.03
C LEU A 460 -34.81 -19.81 5.65
N PRO A 461 -33.75 -20.58 5.40
CA PRO A 461 -33.92 -21.96 4.95
C PRO A 461 -34.54 -22.83 6.04
N ASN A 462 -34.85 -24.06 5.64
CA ASN A 462 -35.50 -25.00 6.55
C ASN A 462 -34.51 -25.49 7.60
N LYS A 463 -35.07 -25.94 8.73
CA LYS A 463 -34.25 -26.34 9.87
C LYS A 463 -33.42 -27.60 9.58
N ASP A 464 -33.76 -28.37 8.56
CA ASP A 464 -33.11 -29.65 8.30
C ASP A 464 -32.01 -29.57 7.25
N SER A 465 -32.31 -29.02 6.07
CA SER A 465 -31.39 -29.08 4.94
C SER A 465 -30.60 -27.78 4.76
N TRP A 466 -30.43 -27.01 5.83
CA TRP A 466 -29.67 -25.76 5.70
C TRP A 466 -28.17 -26.03 5.63
N LYS A 467 -27.69 -27.02 6.38
CA LYS A 467 -26.25 -27.31 6.38
C LYS A 467 -25.78 -27.74 4.99
N ARG A 468 -26.44 -28.73 4.40
CA ARG A 468 -26.02 -29.22 3.10
C ARG A 468 -26.18 -28.15 2.02
N GLU A 469 -27.27 -27.39 2.08
CA GLU A 469 -27.51 -26.37 1.05
C GLU A 469 -26.41 -25.31 1.07
N LEU A 470 -26.00 -24.88 2.27
CA LEU A 470 -24.97 -23.85 2.35
C LEU A 470 -23.64 -24.36 1.80
N GLN A 471 -23.27 -25.60 2.14
CA GLN A 471 -22.03 -26.16 1.62
C GLN A 471 -22.05 -26.24 0.10
N GLU A 472 -23.18 -26.70 -0.46
CA GLU A 472 -23.26 -26.82 -1.92
C GLU A 472 -23.15 -25.46 -2.59
N CYS A 473 -23.84 -24.44 -2.04
CA CYS A 473 -23.76 -23.11 -2.63
C CYS A 473 -22.35 -22.56 -2.57
N GLY A 474 -21.66 -22.73 -1.44
CA GLY A 474 -20.30 -22.24 -1.33
C GLY A 474 -19.33 -22.98 -2.23
N LYS A 475 -19.45 -24.30 -2.30
CA LYS A 475 -18.52 -25.08 -3.11
C LYS A 475 -18.67 -24.76 -4.59
N PHE A 476 -19.90 -24.58 -5.06
CA PHE A 476 -20.19 -24.29 -6.46
C PHE A 476 -21.08 -23.05 -6.51
N PRO A 477 -20.49 -21.85 -6.42
CA PRO A 477 -21.32 -20.63 -6.43
C PRO A 477 -22.13 -20.48 -7.70
N VAL A 478 -21.68 -21.07 -8.81
CA VAL A 478 -22.42 -20.94 -10.07
C VAL A 478 -23.82 -21.52 -9.95
N ASN A 479 -24.01 -22.47 -9.04
CA ASN A 479 -25.31 -23.10 -8.83
C ASN A 479 -26.15 -22.39 -7.77
N CYS A 480 -25.62 -21.33 -7.15
CA CYS A 480 -26.33 -20.58 -6.10
C CYS A 480 -26.10 -19.11 -6.40
N LEU A 481 -27.04 -18.52 -7.17
CA LEU A 481 -26.84 -17.15 -7.62
C LEU A 481 -27.67 -16.18 -6.78
N PRO A 482 -27.13 -15.00 -6.46
CA PRO A 482 -27.88 -14.01 -5.69
C PRO A 482 -28.89 -13.28 -6.56
N THR A 483 -29.66 -12.40 -5.93
CA THR A 483 -30.71 -11.69 -6.65
C THR A 483 -30.15 -10.77 -7.72
N PHE A 484 -28.92 -10.28 -7.54
CA PHE A 484 -28.28 -9.44 -8.54
C PHE A 484 -27.47 -10.25 -9.55
N GLN A 485 -27.58 -11.58 -9.52
CA GLN A 485 -27.09 -12.45 -10.58
C GLN A 485 -25.58 -12.30 -10.77
N GLN A 486 -24.83 -12.72 -9.75
CA GLN A 486 -23.39 -12.87 -9.92
C GLN A 486 -22.85 -13.81 -8.86
N PRO A 487 -21.96 -14.74 -9.21
CA PRO A 487 -21.41 -15.63 -8.18
C PRO A 487 -20.69 -14.85 -7.08
N LEU A 488 -20.84 -15.33 -5.86
CA LEU A 488 -20.19 -14.74 -4.69
C LEU A 488 -19.05 -15.65 -4.25
N LYS A 489 -17.84 -15.13 -4.28
CA LYS A 489 -16.69 -15.93 -3.86
C LYS A 489 -16.76 -16.21 -2.36
N THR A 490 -16.43 -17.44 -1.98
CA THR A 490 -16.50 -17.82 -0.57
C THR A 490 -15.46 -17.11 0.28
N ASN A 491 -14.41 -16.55 -0.33
CA ASN A 491 -13.40 -15.85 0.44
C ASN A 491 -13.90 -14.47 0.89
N LEU A 492 -14.79 -13.86 0.13
CA LEU A 492 -15.35 -12.55 0.47
C LEU A 492 -16.49 -12.65 1.48
N LEU A 493 -16.92 -13.86 1.84
CA LEU A 493 -18.05 -14.07 2.72
C LEU A 493 -17.68 -14.71 4.05
N PHE A 494 -16.66 -15.57 4.08
CA PHE A 494 -16.28 -16.28 5.28
C PHE A 494 -14.80 -16.13 5.52
N SER A 495 -14.38 -16.36 6.77
CA SER A 495 -12.96 -16.29 7.11
C SER A 495 -12.17 -17.35 6.38
N ASP A 496 -12.70 -18.56 6.28
CA ASP A 496 -12.04 -19.67 5.62
C ASP A 496 -13.03 -20.40 4.73
N ASP A 497 -12.50 -21.12 3.73
CA ASP A 497 -13.33 -21.77 2.73
C ASP A 497 -14.10 -22.96 3.28
N ASP A 498 -13.80 -23.42 4.50
CA ASP A 498 -14.53 -24.55 5.06
C ASP A 498 -16.00 -24.22 5.34
N ILE A 499 -16.32 -22.93 5.51
CA ILE A 499 -17.69 -22.50 5.71
C ILE A 499 -18.21 -22.97 7.06
N LEU A 500 -18.50 -24.28 7.17
CA LEU A 500 -19.12 -24.79 8.39
C LEU A 500 -18.24 -24.60 9.60
N ASN A 501 -16.93 -24.56 9.41
CA ASN A 501 -15.99 -24.35 10.51
C ASN A 501 -15.49 -22.91 10.57
N ALA A 502 -16.06 -22.01 9.77
CA ALA A 502 -15.58 -20.64 9.72
C ALA A 502 -15.76 -19.95 11.07
N HIS A 503 -14.80 -19.11 11.43
CA HIS A 503 -14.84 -18.38 12.69
C HIS A 503 -15.56 -17.05 12.59
N ALA A 504 -15.90 -16.59 11.38
CA ALA A 504 -16.57 -15.31 11.22
C ALA A 504 -17.00 -15.16 9.78
N PHE A 505 -18.15 -14.51 9.57
CA PHE A 505 -18.63 -14.17 8.25
C PHE A 505 -18.74 -12.65 8.12
N VAL A 506 -18.56 -12.16 6.91
CA VAL A 506 -18.42 -10.74 6.63
C VAL A 506 -19.61 -10.27 5.79
N VAL A 507 -20.19 -9.15 6.16
CA VAL A 507 -21.30 -8.54 5.44
C VAL A 507 -20.85 -7.16 4.97
N THR A 508 -20.90 -6.94 3.66
CA THR A 508 -20.46 -5.68 3.06
C THR A 508 -21.65 -5.01 2.38
N LEU A 509 -21.78 -3.71 2.57
CA LEU A 509 -22.81 -2.90 1.94
C LEU A 509 -22.15 -1.78 1.15
N LEU A 510 -22.61 -1.59 -0.08
CA LEU A 510 -22.02 -0.62 -1.00
C LEU A 510 -22.97 0.53 -1.21
N LEU A 511 -22.46 1.76 -1.07
CA LEU A 511 -23.24 2.96 -1.28
C LEU A 511 -22.63 3.71 -2.46
N THR A 512 -23.45 3.97 -3.47
CA THR A 512 -23.02 4.72 -4.65
C THR A 512 -23.49 6.17 -4.62
N ASN A 513 -24.01 6.62 -3.47
CA ASN A 513 -24.50 7.98 -3.30
C ASN A 513 -23.57 8.70 -2.33
N HIS A 514 -22.90 9.75 -2.82
CA HIS A 514 -21.86 10.42 -2.05
C HIS A 514 -22.31 11.76 -1.47
N THR A 515 -23.57 12.15 -1.66
CA THR A 515 -24.04 13.40 -1.10
C THR A 515 -24.07 13.31 0.42
N GLN A 516 -24.40 14.43 1.07
CA GLN A 516 -24.48 14.44 2.52
C GLN A 516 -25.61 13.57 3.05
N SER A 517 -26.58 13.23 2.19
CA SER A 517 -27.66 12.35 2.63
C SER A 517 -27.12 10.98 3.01
N ALA A 518 -26.17 10.45 2.24
CA ALA A 518 -25.59 9.16 2.56
C ALA A 518 -24.88 9.20 3.91
N ASN A 519 -24.29 10.34 4.25
CA ASN A 519 -23.67 10.49 5.57
C ASN A 519 -24.72 10.38 6.67
N ARG A 520 -25.89 10.97 6.45
CA ARG A 520 -26.94 10.93 7.48
C ARG A 520 -27.37 9.51 7.78
N TRP A 521 -27.53 8.69 6.74
CA TRP A 521 -27.94 7.30 6.96
C TRP A 521 -26.89 6.53 7.75
N GLU A 522 -25.61 6.75 7.44
CA GLU A 522 -24.55 6.03 8.13
C GLU A 522 -24.53 6.35 9.62
N GLU A 523 -25.00 7.54 10.00
CA GLU A 523 -25.15 7.83 11.43
C GLU A 523 -26.17 6.89 12.06
N ARG A 524 -27.29 6.65 11.38
CA ARG A 524 -28.30 5.75 11.91
C ARG A 524 -27.77 4.32 12.02
N LEU A 525 -27.04 3.87 11.00
CA LEU A 525 -26.50 2.51 11.04
C LEU A 525 -25.48 2.37 12.17
N GLU A 526 -24.63 3.38 12.35
CA GLU A 526 -23.64 3.31 13.42
C GLU A 526 -24.33 3.23 14.79
N GLU A 527 -25.39 4.02 14.98
CA GLU A 527 -26.13 3.96 16.23
C GLU A 527 -26.85 2.64 16.38
N TYR A 528 -27.41 2.11 15.28
CA TYR A 528 -28.17 0.88 15.35
C TYR A 528 -27.29 -0.30 15.76
N LEU A 529 -26.08 -0.38 15.20
CA LEU A 529 -25.24 -1.54 15.46
C LEU A 529 -24.59 -1.49 16.83
N LEU A 530 -24.34 -0.29 17.36
CA LEU A 530 -23.69 -0.19 18.67
C LEU A 530 -24.55 -0.82 19.76
N ASP A 531 -25.86 -0.56 19.73
CA ASP A 531 -26.77 -1.03 20.76
C ASP A 531 -27.41 -2.37 20.44
N LEU A 532 -27.02 -3.01 19.34
CA LEU A 532 -27.60 -4.30 18.98
C LEU A 532 -27.26 -5.35 20.03
N LYS A 533 -28.24 -6.19 20.36
CA LYS A 533 -28.09 -7.21 21.41
C LYS A 533 -27.78 -8.54 20.73
N VAL A 534 -26.49 -8.84 20.59
CA VAL A 534 -26.04 -10.08 19.96
C VAL A 534 -26.19 -11.22 20.95
N PRO A 535 -26.33 -12.47 20.49
CA PRO A 535 -26.41 -13.59 21.43
C PRO A 535 -25.10 -13.78 22.19
N GLU A 536 -25.19 -14.51 23.29
CA GLU A 536 -24.02 -14.81 24.09
C GLU A 536 -22.98 -15.54 23.25
N GLY A 537 -21.72 -15.13 23.40
CA GLY A 537 -20.60 -15.72 22.70
C GLY A 537 -20.22 -14.97 21.44
N LEU A 538 -21.20 -14.48 20.69
CA LEU A 538 -20.92 -13.78 19.44
C LEU A 538 -20.37 -12.38 19.72
N ARG A 539 -19.93 -11.74 18.64
CA ARG A 539 -19.35 -10.41 18.72
C ARG A 539 -19.57 -9.72 17.38
N ILE A 540 -19.46 -8.39 17.39
CA ILE A 540 -19.67 -7.59 16.18
C ILE A 540 -18.61 -6.51 16.14
N SER A 541 -18.11 -6.22 14.94
CA SER A 541 -17.16 -5.14 14.72
C SER A 541 -17.38 -4.59 13.33
N PHE A 542 -17.68 -3.30 13.25
CA PHE A 542 -18.09 -2.67 12.00
C PHE A 542 -17.31 -1.38 11.79
N ASN A 543 -17.30 -0.92 10.54
CA ASN A 543 -16.63 0.35 10.22
C ASN A 543 -17.37 1.00 9.05
N THR A 544 -18.29 1.89 9.38
CA THR A 544 -18.93 2.69 8.35
C THR A 544 -17.93 3.70 7.79
N GLU A 545 -18.27 4.26 6.63
CA GLU A 545 -17.32 5.14 5.94
C GLU A 545 -16.93 6.33 6.80
N ILE A 546 -17.85 6.81 7.65
CA ILE A 546 -17.60 8.00 8.46
C ILE A 546 -17.07 7.68 9.84
N SER A 547 -16.88 6.40 10.18
CA SER A 547 -16.45 6.05 11.52
C SER A 547 -15.07 6.61 11.82
N LEU A 548 -14.15 6.55 10.85
CA LEU A 548 -12.80 7.01 11.09
C LEU A 548 -12.76 8.50 11.42
N GLU A 549 -13.43 9.32 10.61
CA GLU A 549 -13.42 10.75 10.84
C GLU A 549 -14.05 11.10 12.18
N LYS A 550 -15.14 10.41 12.54
CA LYS A 550 -15.79 10.69 13.82
C LYS A 550 -14.87 10.38 14.98
N GLU A 551 -14.17 9.24 14.94
CA GLU A 551 -13.35 8.82 16.07
C GLU A 551 -12.06 9.61 16.18
N LEU A 552 -11.47 10.01 15.04
CA LEU A 552 -10.27 10.85 15.11
C LEU A 552 -10.56 12.16 15.83
N ASN A 553 -11.65 12.82 15.47
CA ASN A 553 -12.07 14.06 16.12
C ASN A 553 -13.04 13.78 17.26
N ASN A 554 -12.62 12.91 18.17
CA ASN A 554 -13.38 12.58 19.37
C ASN A 554 -12.53 12.60 20.62
N ASN A 555 -11.27 12.19 20.54
CA ASN A 555 -10.38 12.24 21.69
C ASN A 555 -10.27 13.67 22.19
N ASN A 556 -10.44 13.84 23.51
CA ASN A 556 -10.38 15.16 24.15
C ASN A 556 -9.48 15.02 25.38
N ASP A 557 -8.18 15.22 25.18
CA ASP A 557 -7.19 15.08 26.24
C ASP A 557 -6.80 16.44 26.82
N ILE A 558 -7.77 17.36 26.92
CA ILE A 558 -7.48 18.68 27.44
C ILE A 558 -7.35 18.67 28.95
N SER A 559 -7.88 17.65 29.63
CA SER A 559 -7.74 17.57 31.08
C SER A 559 -6.27 17.41 31.48
N THR A 560 -5.58 16.46 30.85
CA THR A 560 -4.17 16.24 31.20
C THR A 560 -3.32 17.45 30.86
N VAL A 561 -3.71 18.22 29.84
CA VAL A 561 -2.97 19.43 29.51
C VAL A 561 -2.98 20.40 30.68
N ALA A 562 -4.15 20.59 31.31
CA ALA A 562 -4.25 21.49 32.44
C ALA A 562 -3.48 20.97 33.65
N ILE A 563 -3.14 19.68 33.69
CA ILE A 563 -2.38 19.15 34.80
C ILE A 563 -0.90 19.40 34.61
N SER A 564 -0.39 19.20 33.39
CA SER A 564 1.00 19.54 33.10
C SER A 564 1.25 21.01 33.35
N TYR A 565 0.27 21.85 32.99
CA TYR A 565 0.39 23.28 33.26
C TYR A 565 0.45 23.56 34.75
N LEU A 566 -0.39 22.89 35.54
CA LEU A 566 -0.37 23.10 36.98
C LEU A 566 0.96 22.69 37.59
N MET A 567 1.51 21.55 37.16
CA MET A 567 2.77 21.08 37.72
C MET A 567 3.90 22.07 37.45
N MET A 568 3.95 22.61 36.24
CA MET A 568 5.08 23.46 35.86
C MET A 568 4.99 24.82 36.54
N PHE A 569 3.78 25.31 36.81
CA PHE A 569 3.66 26.50 37.65
C PHE A 569 4.17 26.23 39.05
N LEU A 570 3.84 25.07 39.62
CA LEU A 570 4.40 24.70 40.91
C LEU A 570 5.92 24.65 40.86
N TYR A 571 6.47 23.92 39.90
CA TYR A 571 7.92 23.77 39.84
C TYR A 571 8.61 25.10 39.54
N ALA A 572 8.04 25.90 38.63
CA ALA A 572 8.68 27.16 38.28
C ALA A 572 8.80 28.08 39.49
N THR A 573 7.75 28.15 40.31
CA THR A 573 7.81 28.96 41.52
C THR A 573 8.89 28.46 42.46
N TRP A 574 9.00 27.15 42.64
CA TRP A 574 10.00 26.60 43.54
C TRP A 574 11.41 26.94 43.05
N ALA A 575 11.67 26.81 41.75
CA ALA A 575 12.99 27.03 41.20
C ALA A 575 13.32 28.50 41.03
N LEU A 576 12.35 29.40 41.16
CA LEU A 576 12.56 30.83 41.01
C LEU A 576 12.64 31.55 42.36
N ARG A 577 12.66 30.81 43.47
CA ARG A 577 12.75 31.44 44.77
C ARG A 577 14.15 32.01 45.00
N ARG A 578 14.22 33.02 45.86
CA ARG A 578 15.48 33.66 46.16
C ARG A 578 16.39 32.72 46.95
N LYS A 579 17.67 33.07 47.01
CA LYS A 579 18.63 32.28 47.77
C LYS A 579 18.28 32.26 49.26
N ASP A 580 17.53 33.25 49.74
CA ASP A 580 17.12 33.30 51.14
C ASP A 580 15.88 32.46 51.42
N GLY A 581 15.30 31.82 50.40
CA GLY A 581 14.10 31.04 50.56
C GLY A 581 12.83 31.78 50.24
N LYS A 582 12.88 33.10 50.07
CA LYS A 582 11.70 33.86 49.70
C LYS A 582 11.23 33.48 48.31
N THR A 583 9.92 33.48 48.11
CA THR A 583 9.31 33.08 46.85
C THR A 583 8.71 34.30 46.15
N ARG A 584 8.85 34.33 44.83
CA ARG A 584 8.31 35.40 43.99
C ARG A 584 7.26 34.77 43.07
N LEU A 585 6.03 34.68 43.57
CA LEU A 585 4.97 34.03 42.80
C LEU A 585 4.61 34.83 41.55
N LEU A 586 4.66 36.16 41.61
CA LEU A 586 4.24 36.96 40.47
C LEU A 586 5.13 36.68 39.25
N LEU A 587 6.44 36.53 39.46
CA LEU A 587 7.33 36.21 38.35
C LEU A 587 6.94 34.87 37.71
N GLY A 588 6.64 33.87 38.54
CA GLY A 588 6.21 32.59 37.99
C GLY A 588 4.94 32.71 37.17
N ILE A 589 4.00 33.53 37.62
CA ILE A 589 2.76 33.74 36.88
C ILE A 589 3.07 34.33 35.50
N SER A 590 3.93 35.34 35.46
CA SER A 590 4.29 35.95 34.19
C SER A 590 4.90 34.94 33.23
N GLY A 591 5.68 33.98 33.76
CA GLY A 591 6.25 32.96 32.89
C GLY A 591 5.18 32.15 32.18
N LEU A 592 4.13 31.77 32.90
CA LEU A 592 3.05 31.01 32.29
C LEU A 592 2.17 31.87 31.40
N LEU A 593 1.83 33.09 31.85
CA LEU A 593 0.98 33.94 31.03
C LEU A 593 1.70 34.41 29.77
N ILE A 594 3.00 34.65 29.85
CA ILE A 594 3.73 35.15 28.69
C ILE A 594 3.75 34.10 27.58
N VAL A 595 3.92 32.83 27.94
CA VAL A 595 3.93 31.79 26.92
C VAL A 595 2.54 31.63 26.29
N LEU A 596 1.48 31.80 27.07
CA LEU A 596 0.14 31.71 26.51
C LEU A 596 -0.07 32.78 25.44
N ALA A 597 0.36 34.02 25.73
CA ALA A 597 0.19 35.09 24.76
C ALA A 597 0.85 34.74 23.43
N SER A 598 1.90 33.92 23.46
CA SER A 598 2.52 33.49 22.22
C SER A 598 1.65 32.49 21.47
N ILE A 599 1.10 31.51 22.18
CA ILE A 599 0.27 30.50 21.52
C ILE A 599 -0.98 31.14 20.94
N VAL A 600 -1.64 32.00 21.72
CA VAL A 600 -2.85 32.65 21.24
C VAL A 600 -2.52 33.59 20.09
N CYS A 601 -1.39 34.30 20.16
CA CYS A 601 -1.00 35.16 19.07
C CYS A 601 -0.77 34.35 17.79
N ALA A 602 -0.08 33.21 17.90
CA ALA A 602 0.16 32.40 16.72
C ALA A 602 -1.13 31.83 16.16
N ALA A 603 -2.02 31.36 17.04
CA ALA A 603 -3.29 30.81 16.57
C ALA A 603 -4.23 31.87 16.04
N GLY A 604 -3.97 33.14 16.34
CA GLY A 604 -4.78 34.23 15.83
C GLY A 604 -4.14 34.92 14.65
N PHE A 605 -2.81 35.13 14.73
CA PHE A 605 -2.10 35.71 13.60
C PHE A 605 -2.13 34.77 12.40
N LEU A 606 -1.93 33.48 12.63
CA LEU A 606 -1.80 32.53 11.53
C LEU A 606 -3.13 32.18 10.91
N THR A 607 -4.21 32.14 11.70
CA THR A 607 -5.51 31.77 11.15
C THR A 607 -6.03 32.79 10.15
N LEU A 608 -5.46 34.00 10.14
CA LEU A 608 -5.88 34.99 9.15
C LEU A 608 -5.56 34.51 7.73
N PHE A 609 -4.38 33.92 7.54
CA PHE A 609 -3.98 33.45 6.22
C PHE A 609 -4.75 32.21 5.78
N GLY A 610 -5.53 31.60 6.68
CA GLY A 610 -6.36 30.47 6.32
C GLY A 610 -5.85 29.12 6.78
N LEU A 611 -4.76 29.07 7.53
CA LEU A 611 -4.27 27.80 8.03
C LEU A 611 -5.25 27.19 9.04
N LYS A 612 -5.48 25.89 8.91
CA LYS A 612 -6.33 25.15 9.84
C LYS A 612 -5.48 24.14 10.59
N SER A 613 -5.70 24.05 11.90
CA SER A 613 -4.94 23.16 12.76
C SER A 613 -5.83 22.00 13.20
N THR A 614 -5.26 20.80 13.20
CA THR A 614 -6.02 19.61 13.59
C THR A 614 -6.20 19.58 15.10
N LEU A 615 -7.29 18.93 15.53
CA LEU A 615 -7.54 18.78 16.96
C LEU A 615 -6.45 17.96 17.62
N ILE A 616 -6.00 16.89 16.95
CA ILE A 616 -5.01 16.00 17.54
C ILE A 616 -3.70 16.74 17.79
N ILE A 617 -3.25 17.53 16.80
CA ILE A 617 -1.97 18.22 16.91
C ILE A 617 -2.08 19.59 17.57
N ALA A 618 -3.30 20.09 17.79
CA ALA A 618 -3.48 21.31 18.56
C ALA A 618 -3.37 21.07 20.05
N GLU A 619 -3.37 19.82 20.49
CA GLU A 619 -3.18 19.48 21.90
C GLU A 619 -1.72 19.21 22.24
N VAL A 620 -0.82 19.33 21.27
CA VAL A 620 0.60 19.07 21.50
C VAL A 620 1.42 20.35 21.54
N ILE A 621 1.00 21.40 20.83
CA ILE A 621 1.77 22.65 20.84
C ILE A 621 1.95 23.19 22.25
N PRO A 622 0.93 23.19 23.13
CA PRO A 622 1.14 23.77 24.46
C PRO A 622 2.31 23.17 25.21
N PHE A 623 2.50 21.85 25.11
CA PHE A 623 3.63 21.24 25.80
C PHE A 623 4.96 21.66 25.18
N LEU A 624 5.02 21.70 23.85
CA LEU A 624 6.27 21.98 23.17
C LEU A 624 6.74 23.40 23.43
N ILE A 625 5.85 24.39 23.22
CA ILE A 625 6.23 25.79 23.37
C ILE A 625 6.54 26.11 24.81
N LEU A 626 5.75 25.57 25.75
CA LEU A 626 5.99 25.85 27.16
C LEU A 626 7.33 25.27 27.62
N ALA A 627 7.67 24.07 27.16
CA ALA A 627 8.96 23.50 27.52
C ALA A 627 10.10 24.35 27.00
N ILE A 628 10.00 24.86 25.77
CA ILE A 628 11.02 25.72 25.21
C ILE A 628 10.88 27.17 25.67
N GLY A 629 9.64 27.66 25.82
CA GLY A 629 9.45 29.06 26.13
C GLY A 629 9.95 29.44 27.51
N ILE A 630 9.66 28.61 28.52
CA ILE A 630 10.02 28.95 29.90
C ILE A 630 11.50 28.80 30.18
N ASP A 631 12.27 28.29 29.22
CA ASP A 631 13.70 28.11 29.45
C ASP A 631 14.41 29.45 29.63
N ASN A 632 14.07 30.44 28.81
CA ASN A 632 14.77 31.71 28.88
C ASN A 632 14.37 32.54 30.09
N ILE A 633 13.26 32.20 30.76
CA ILE A 633 12.86 32.94 31.95
C ILE A 633 13.87 32.70 33.08
N PHE A 634 14.22 31.44 33.30
CA PHE A 634 15.16 31.13 34.39
C PHE A 634 16.53 31.71 34.12
N LEU A 635 17.01 31.63 32.88
CA LEU A 635 18.34 32.14 32.57
C LEU A 635 18.43 33.64 32.80
N ILE A 636 17.41 34.39 32.38
CA ILE A 636 17.42 35.84 32.60
C ILE A 636 17.26 36.15 34.09
N THR A 637 16.29 35.49 34.73
CA THR A 637 16.04 35.78 36.14
C THR A 637 17.20 35.33 37.02
N HIS A 638 17.65 34.09 36.86
CA HIS A 638 18.72 33.57 37.71
C HIS A 638 19.99 34.38 37.54
N GLU A 639 20.38 34.67 36.29
CA GLU A 639 21.58 35.46 36.07
C GLU A 639 21.43 36.86 36.62
N TYR A 640 20.21 37.39 36.66
CA TYR A 640 19.99 38.69 37.27
C TYR A 640 20.27 38.64 38.77
N ASP A 641 19.93 37.54 39.42
CA ASP A 641 20.21 37.39 40.84
C ASP A 641 21.70 37.49 41.13
N ARG A 642 22.52 36.85 40.30
CA ARG A 642 23.97 36.90 40.50
C ARG A 642 24.48 38.34 40.42
N ASN A 643 23.99 39.10 39.43
CA ASN A 643 24.43 40.48 39.30
C ASN A 643 24.12 41.28 40.55
N CYS A 644 23.05 40.93 41.27
CA CYS A 644 22.74 41.61 42.51
C CYS A 644 23.68 41.16 43.63
N GLU A 645 24.18 39.93 43.56
CA GLU A 645 25.04 39.43 44.63
C GLU A 645 26.32 40.24 44.76
N GLN A 646 26.93 40.60 43.63
CA GLN A 646 28.18 41.34 43.61
C GLN A 646 28.04 42.62 42.82
N LYS A 647 28.85 43.61 43.17
CA LYS A 647 28.84 44.90 42.47
C LYS A 647 27.44 45.50 42.55
N PRO A 648 27.00 45.91 43.73
CA PRO A 648 25.63 46.46 43.88
C PRO A 648 25.52 47.96 43.64
N GLU A 649 26.53 48.59 43.04
CA GLU A 649 26.43 50.03 42.78
C GLU A 649 25.30 50.34 41.80
N TYR A 650 25.09 49.48 40.81
CA TYR A 650 23.97 49.66 39.89
C TYR A 650 22.64 49.47 40.62
N SER A 651 21.61 50.13 40.11
CA SER A 651 20.27 50.02 40.66
C SER A 651 19.49 48.95 39.91
N ILE A 652 18.20 48.83 40.20
CA ILE A 652 17.38 47.81 39.55
C ILE A 652 17.34 48.05 38.04
N ASP A 653 17.14 49.30 37.64
CA ASP A 653 17.08 49.61 36.21
C ASP A 653 18.42 49.32 35.54
N GLN A 654 19.53 49.68 36.18
CA GLN A 654 20.84 49.45 35.58
C GLN A 654 21.27 48.00 35.71
N LYS A 655 20.83 47.30 36.75
CA LYS A 655 21.22 45.91 36.92
C LYS A 655 20.54 45.01 35.88
N ILE A 656 19.23 45.19 35.69
CA ILE A 656 18.50 44.32 34.78
C ILE A 656 18.99 44.51 33.35
N ILE A 657 19.19 45.76 32.93
CA ILE A 657 19.65 46.02 31.57
C ILE A 657 21.02 45.38 31.34
N SER A 658 21.88 45.41 32.35
CA SER A 658 23.15 44.71 32.24
C SER A 658 22.95 43.21 32.13
N ALA A 659 21.98 42.66 32.86
CA ALA A 659 21.68 41.24 32.75
C ALA A 659 21.23 40.87 31.34
N ILE A 660 20.36 41.70 30.76
CA ILE A 660 19.88 41.42 29.40
C ILE A 660 21.06 41.47 28.42
N GLY A 661 21.88 42.51 28.53
CA GLY A 661 23.05 42.60 27.68
C GLY A 661 24.24 41.90 28.30
N ARG A 662 24.44 40.64 27.92
CA ARG A 662 25.49 39.80 28.47
C ARG A 662 25.31 38.39 27.94
N MET A 663 24.09 37.86 28.07
CA MET A 663 23.71 36.57 27.52
C MET A 663 22.77 36.70 26.34
N SER A 664 22.56 37.91 25.83
CA SER A 664 21.72 38.11 24.66
C SER A 664 22.14 37.24 23.48
N PRO A 665 23.43 37.14 23.11
CA PRO A 665 23.79 36.19 22.05
C PRO A 665 23.41 34.75 22.38
N SER A 666 23.51 34.37 23.65
CA SER A 666 23.09 33.03 24.04
C SER A 666 21.58 32.85 23.84
N ILE A 667 20.79 33.85 24.21
CA ILE A 667 19.34 33.77 23.99
C ILE A 667 19.04 33.86 22.50
N LEU A 668 19.72 34.76 21.78
CA LEU A 668 19.43 34.93 20.36
C LEU A 668 19.73 33.66 19.57
N MET A 669 20.83 32.98 19.91
CA MET A 669 21.15 31.74 19.20
C MET A 669 20.11 30.66 19.47
N SER A 670 19.51 30.67 20.66
CA SER A 670 18.45 29.72 20.95
C SER A 670 17.24 29.93 20.04
N LEU A 671 16.83 31.19 19.85
CA LEU A 671 15.69 31.46 18.97
C LEU A 671 16.02 31.10 17.53
N LEU A 672 17.21 31.45 17.05
CA LEU A 672 17.56 31.15 15.67
C LEU A 672 17.75 29.66 15.45
N CYS A 673 18.10 28.92 16.49
CA CYS A 673 18.22 27.47 16.39
C CYS A 673 16.90 26.75 16.63
N GLN A 674 15.87 27.45 17.11
CA GLN A 674 14.54 26.88 17.29
C GLN A 674 13.58 27.31 16.19
N THR A 675 14.06 27.99 15.16
CA THR A 675 13.28 28.26 13.96
C THR A 675 13.84 27.58 12.73
N GLY A 676 15.15 27.42 12.65
CA GLY A 676 15.72 26.61 11.58
C GLY A 676 15.34 25.15 11.72
N CYS A 677 15.37 24.63 12.95
CA CYS A 677 14.97 23.25 13.18
C CYS A 677 13.51 23.03 12.85
N PHE A 678 12.65 23.98 13.22
CA PHE A 678 11.23 23.85 12.91
C PHE A 678 10.96 24.12 11.43
N LEU A 679 11.62 25.13 10.86
CA LEU A 679 11.40 25.43 9.45
C LEU A 679 11.81 24.26 8.56
N ILE A 680 12.94 23.62 8.87
CA ILE A 680 13.36 22.46 8.08
C ILE A 680 12.34 21.34 8.22
N ALA A 681 11.74 21.20 9.41
CA ALA A 681 10.69 20.20 9.60
C ALA A 681 9.43 20.54 8.82
N ALA A 682 9.31 21.77 8.32
CA ALA A 682 8.16 22.15 7.52
C ALA A 682 8.25 21.65 6.09
N PHE A 683 9.36 21.05 5.69
CA PHE A 683 9.47 20.45 4.37
C PHE A 683 8.72 19.12 4.27
N VAL A 684 8.26 18.57 5.40
CA VAL A 684 7.40 17.40 5.36
C VAL A 684 6.04 17.81 4.79
N THR A 685 5.54 17.03 3.83
CA THR A 685 4.41 17.45 3.02
C THR A 685 3.06 17.04 3.60
N MET A 686 3.02 16.23 4.66
CA MET A 686 1.75 15.85 5.24
C MET A 686 1.11 17.07 5.88
N PRO A 687 -0.09 17.47 5.46
CA PRO A 687 -0.67 18.72 5.99
C PRO A 687 -0.80 18.74 7.51
N ALA A 688 -0.99 17.59 8.14
CA ALA A 688 -1.13 17.56 9.60
C ALA A 688 0.16 18.02 10.28
N VAL A 689 1.31 17.58 9.78
CA VAL A 689 2.59 17.92 10.40
C VAL A 689 3.29 19.08 9.71
N HIS A 690 2.82 19.50 8.54
CA HIS A 690 3.33 20.75 7.96
C HIS A 690 2.75 21.95 8.68
N ASN A 691 1.48 21.88 9.07
CA ASN A 691 0.89 22.97 9.85
C ASN A 691 1.37 22.96 11.29
N PHE A 692 1.92 21.84 11.77
CA PHE A 692 2.48 21.80 13.11
C PHE A 692 3.83 22.51 13.16
N ALA A 693 4.60 22.46 12.08
CA ALA A 693 5.88 23.16 12.05
C ALA A 693 5.69 24.66 11.86
N ILE A 694 4.72 25.06 11.04
CA ILE A 694 4.47 26.48 10.84
C ILE A 694 3.85 27.10 12.09
N TYR A 695 2.95 26.38 12.75
CA TYR A 695 2.34 26.92 13.96
C TYR A 695 3.38 27.11 15.06
N SER A 696 4.31 26.17 15.20
CA SER A 696 5.31 26.26 16.25
C SER A 696 6.38 27.29 15.91
N THR A 697 6.72 27.41 14.62
CA THR A 697 7.74 28.38 14.23
C THR A 697 7.33 29.80 14.59
N VAL A 698 6.07 30.15 14.33
CA VAL A 698 5.58 31.48 14.68
C VAL A 698 5.46 31.62 16.19
N SER A 699 5.04 30.55 16.87
CA SER A 699 4.88 30.63 18.32
C SER A 699 6.22 30.89 19.01
N VAL A 700 7.29 30.25 18.54
CA VAL A 700 8.60 30.44 19.14
C VAL A 700 9.06 31.89 18.95
N ILE A 701 8.87 32.44 17.75
CA ILE A 701 9.30 33.80 17.47
C ILE A 701 8.54 34.78 18.37
N PHE A 702 7.22 34.63 18.45
CA PHE A 702 6.44 35.52 19.29
C PHE A 702 6.81 35.37 20.76
N ASN A 703 7.05 34.14 21.20
CA ASN A 703 7.41 33.91 22.60
C ASN A 703 8.71 34.63 22.94
N GLY A 704 9.69 34.59 22.03
CA GLY A 704 10.94 35.29 22.29
C GLY A 704 10.77 36.79 22.40
N VAL A 705 10.01 37.37 21.47
CA VAL A 705 9.78 38.81 21.50
C VAL A 705 9.03 39.21 22.75
N LEU A 706 8.02 38.43 23.12
CA LEU A 706 7.22 38.71 24.32
C LEU A 706 7.92 38.32 25.60
N GLN A 707 9.22 38.00 25.54
CA GLN A 707 10.00 37.65 26.73
C GLN A 707 11.12 38.63 27.01
N LEU A 708 11.85 39.06 25.98
CA LEU A 708 12.91 40.04 26.15
C LEU A 708 12.37 41.47 26.17
N THR A 709 11.08 41.65 25.94
CA THR A 709 10.45 42.98 25.96
C THR A 709 9.38 43.10 27.03
N ALA A 710 8.49 42.12 27.14
CA ALA A 710 7.38 42.20 28.09
C ALA A 710 7.75 41.66 29.46
N TYR A 711 8.52 40.59 29.52
CA TYR A 711 8.90 40.02 30.82
C TYR A 711 9.98 40.85 31.50
N VAL A 712 10.86 41.47 30.72
CA VAL A 712 11.87 42.34 31.33
C VAL A 712 11.21 43.50 32.05
N SER A 713 10.19 44.09 31.43
CA SER A 713 9.48 45.19 32.09
C SER A 713 8.77 44.71 33.34
N ILE A 714 8.13 43.54 33.28
CA ILE A 714 7.44 43.01 34.45
C ILE A 714 8.43 42.75 35.58
N LEU A 715 9.58 42.18 35.24
CA LEU A 715 10.57 41.88 36.27
C LEU A 715 11.06 43.15 36.96
N SER A 716 11.27 44.22 36.19
CA SER A 716 11.76 45.47 36.78
C SER A 716 10.74 46.03 37.76
N LEU A 717 9.46 46.07 37.36
CA LEU A 717 8.44 46.62 38.25
C LEU A 717 8.30 45.80 39.52
N TYR A 718 8.29 44.47 39.39
CA TYR A 718 8.13 43.62 40.57
C TYR A 718 9.28 43.81 41.54
N GLU A 719 10.51 43.84 41.03
CA GLU A 719 11.67 43.96 41.91
C GLU A 719 11.77 45.36 42.50
N LYS A 720 11.53 46.39 41.69
CA LYS A 720 11.65 47.76 42.16
C LYS A 720 10.68 48.02 43.31
N ARG A 721 9.41 47.64 43.14
CA ARG A 721 8.43 47.85 44.19
C ARG A 721 8.75 47.05 45.44
N SER A 722 9.14 45.78 45.27
CA SER A 722 9.46 44.95 46.41
C SER A 722 10.65 45.50 47.19
N ASN A 723 11.68 45.94 46.49
CA ASN A 723 12.88 46.51 47.11
C ASN A 723 13.43 45.58 48.18
N TYR A 724 13.82 44.38 47.75
CA TYR A 724 14.36 43.39 48.66
C TYR A 724 15.71 43.84 49.20
N LYS A 725 15.95 43.58 50.48
CA LYS A 725 17.22 43.93 51.09
C LYS A 725 18.35 43.12 50.46
N GLN A 726 19.51 43.75 50.34
CA GLN A 726 20.67 43.08 49.75
C GLN A 726 21.03 41.84 50.55
N ILE A 727 21.24 40.72 49.85
CA ILE A 727 21.59 39.48 50.51
C ILE A 727 23.00 39.58 51.09
N THR A 728 23.15 39.17 52.34
CA THR A 728 24.45 39.22 53.01
C THR A 728 25.29 38.01 52.65
N SER A 736 28.92 21.08 49.27
CA SER A 736 27.92 20.80 48.24
C SER A 736 27.82 19.31 47.96
N PHE A 737 26.92 18.63 48.68
CA PHE A 737 26.72 17.21 48.47
C PHE A 737 26.22 16.95 47.05
N LEU A 738 26.65 15.82 46.49
CA LEU A 738 26.33 15.35 45.15
C LEU A 738 27.10 16.10 44.08
N LYS A 739 27.90 17.11 44.45
CA LYS A 739 28.72 17.84 43.50
C LYS A 739 30.16 17.36 43.49
N THR A 740 30.75 17.15 44.67
CA THR A 740 32.12 16.64 44.73
C THR A 740 32.21 15.26 44.10
N PHE A 741 31.23 14.39 44.37
CA PHE A 741 31.21 13.08 43.74
C PHE A 741 31.11 13.20 42.22
N TYR A 742 30.20 14.05 41.74
CA TYR A 742 30.09 14.27 40.31
C TYR A 742 31.34 14.93 39.74
N PHE A 743 31.89 15.92 40.45
CA PHE A 743 33.10 16.59 39.96
C PHE A 743 34.26 15.61 39.90
N LYS A 744 34.40 14.75 40.90
CA LYS A 744 35.49 13.76 40.88
C LYS A 744 35.36 12.83 39.69
N MET A 745 34.13 12.54 39.27
CA MET A 745 33.94 11.64 38.12
C MET A 745 34.53 12.26 36.86
N LEU A 746 34.38 13.57 36.68
CA LEU A 746 34.90 14.22 35.48
C LEU A 746 36.41 14.13 35.39
N THR A 747 37.09 13.79 36.49
CA THR A 747 38.54 13.59 36.44
C THR A 747 38.92 12.44 35.53
N GLN A 748 38.02 11.48 35.30
CA GLN A 748 38.28 10.34 34.44
C GLN A 748 37.86 10.70 33.02
N LYS A 749 38.70 11.51 32.37
CA LYS A 749 38.38 11.98 31.03
C LYS A 749 38.30 10.82 30.04
N ARG A 750 39.26 9.90 30.10
CA ARG A 750 39.33 8.84 29.10
C ARG A 750 38.29 7.75 29.35
N LEU A 751 37.95 7.48 30.61
CA LEU A 751 36.93 6.48 30.89
C LEU A 751 35.58 6.88 30.32
N ILE A 752 35.21 8.15 30.48
CA ILE A 752 33.92 8.61 29.98
C ILE A 752 33.89 8.59 28.45
N ILE A 753 34.97 9.09 27.82
CA ILE A 753 34.98 9.16 26.36
C ILE A 753 34.89 7.77 25.75
N ILE A 754 35.63 6.81 26.31
CA ILE A 754 35.61 5.45 25.76
C ILE A 754 34.23 4.85 25.88
N ILE A 755 33.58 5.01 27.03
CA ILE A 755 32.26 4.42 27.24
C ILE A 755 31.25 5.03 26.27
N PHE A 756 31.21 6.36 26.19
CA PHE A 756 30.24 7.01 25.31
C PHE A 756 30.56 6.75 23.85
N SER A 757 31.84 6.68 23.49
CA SER A 757 32.21 6.35 22.12
C SER A 757 31.71 4.96 21.75
N ALA A 758 31.88 3.99 22.64
CA ALA A 758 31.40 2.64 22.36
C ALA A 758 29.89 2.62 22.19
N TRP A 759 29.18 3.40 23.01
CA TRP A 759 27.73 3.46 22.91
C TRP A 759 27.31 3.94 21.52
N PHE A 760 27.99 4.96 21.00
CA PHE A 760 27.64 5.47 19.68
C PHE A 760 27.88 4.42 18.59
N PHE A 761 29.01 3.72 18.65
CA PHE A 761 29.35 2.79 17.58
C PHE A 761 28.44 1.56 17.61
N THR A 762 28.12 1.06 18.81
CA THR A 762 27.20 -0.07 18.88
C THR A 762 25.79 0.32 18.48
N SER A 763 25.48 1.61 18.46
CA SER A 763 24.17 2.09 18.04
C SER A 763 24.12 2.48 16.57
N LEU A 764 25.23 2.33 15.85
CA LEU A 764 25.27 2.58 14.41
C LEU A 764 25.05 1.32 13.58
N VAL A 765 24.92 0.16 14.23
CA VAL A 765 24.62 -1.09 13.56
C VAL A 765 23.21 -1.56 13.86
N PHE A 766 22.38 -0.70 14.45
CA PHE A 766 20.98 -1.01 14.71
C PHE A 766 20.02 -0.08 13.97
N LEU A 767 20.52 0.98 13.35
CA LEU A 767 19.65 1.87 12.57
C LEU A 767 18.86 1.13 11.50
N PRO A 768 19.46 0.25 10.69
CA PRO A 768 18.67 -0.46 9.67
C PRO A 768 17.61 -1.39 10.23
N GLU A 769 17.42 -1.46 11.54
CA GLU A 769 16.40 -2.29 12.16
C GLU A 769 15.13 -1.52 12.47
N ILE A 770 15.02 -0.27 12.02
CA ILE A 770 13.86 0.56 12.32
C ILE A 770 12.77 0.28 11.30
N GLN A 771 11.55 0.05 11.78
CA GLN A 771 10.42 -0.28 10.93
C GLN A 771 9.84 0.98 10.29
N PHE A 772 8.89 0.76 9.38
CA PHE A 772 8.21 1.83 8.67
C PHE A 772 6.70 1.69 8.88
N GLY A 773 6.02 2.83 8.90
CA GLY A 773 4.58 2.86 8.87
C GLY A 773 3.97 3.21 10.22
N LEU A 774 2.76 3.73 10.17
CA LEU A 774 1.97 4.11 11.35
C LEU A 774 0.79 3.15 11.46
N ASP A 775 0.67 2.49 12.61
CA ASP A 775 -0.41 1.53 12.80
C ASP A 775 -1.74 2.25 12.97
N GLN A 776 -2.77 1.76 12.29
CA GLN A 776 -4.06 2.42 12.31
C GLN A 776 -4.67 2.44 13.70
N THR A 777 -4.54 1.33 14.44
CA THR A 777 -5.17 1.25 15.75
C THR A 777 -4.67 2.34 16.69
N LEU A 778 -3.45 2.84 16.47
CA LEU A 778 -2.91 3.88 17.34
C LEU A 778 -3.73 5.16 17.24
N ALA A 779 -4.09 5.57 16.01
CA ALA A 779 -4.69 6.88 15.81
C ALA A 779 -6.03 6.99 16.54
N VAL A 780 -6.86 5.97 16.45
CA VAL A 780 -8.19 6.05 17.07
C VAL A 780 -8.05 5.95 18.59
N PRO A 781 -8.87 6.65 19.36
CA PRO A 781 -8.78 6.53 20.83
C PRO A 781 -9.19 5.15 21.29
N GLN A 782 -8.58 4.71 22.39
CA GLN A 782 -8.93 3.43 22.98
C GLN A 782 -10.38 3.44 23.43
N ASP A 783 -10.93 2.24 23.65
CA ASP A 783 -12.31 1.97 24.02
C ASP A 783 -13.28 2.25 22.87
N SER A 784 -12.79 2.65 21.70
CA SER A 784 -13.63 2.85 20.54
C SER A 784 -13.96 1.50 19.89
N TYR A 785 -14.94 1.51 19.00
CA TYR A 785 -15.31 0.29 18.28
C TYR A 785 -14.44 0.02 17.07
N LEU A 786 -13.47 0.89 16.77
CA LEU A 786 -12.57 0.69 15.65
C LEU A 786 -11.30 -0.05 16.03
N VAL A 787 -10.99 -0.19 17.31
CA VAL A 787 -9.86 -1.01 17.70
C VAL A 787 -10.18 -2.48 17.48
N ASP A 788 -11.42 -2.88 17.77
CA ASP A 788 -11.83 -4.26 17.51
C ASP A 788 -11.90 -4.54 16.01
N TYR A 789 -12.36 -3.55 15.23
CA TYR A 789 -12.51 -3.77 13.79
C TYR A 789 -11.18 -3.99 13.12
N PHE A 790 -10.22 -3.10 13.35
CA PHE A 790 -8.93 -3.21 12.67
C PHE A 790 -8.21 -4.49 13.05
N LYS A 791 -8.51 -5.03 14.23
CA LYS A 791 -7.96 -6.33 14.61
C LYS A 791 -8.57 -7.45 13.77
N ASP A 792 -9.85 -7.33 13.43
CA ASP A 792 -10.50 -8.38 12.66
C ASP A 792 -10.07 -8.35 11.20
N VAL A 793 -9.93 -7.16 10.62
CA VAL A 793 -9.58 -7.06 9.21
C VAL A 793 -8.23 -7.73 8.93
N TYR A 794 -7.36 -7.79 9.93
CA TYR A 794 -6.03 -8.36 9.76
C TYR A 794 -6.01 -9.87 9.92
N SER A 795 -7.12 -10.50 10.32
CA SER A 795 -7.15 -11.94 10.56
C SER A 795 -8.31 -12.65 9.92
N PHE A 796 -9.44 -11.97 9.66
CA PHE A 796 -10.65 -12.63 9.18
C PHE A 796 -11.06 -12.20 7.78
N LEU A 797 -10.28 -11.36 7.11
CA LEU A 797 -10.60 -10.90 5.77
C LEU A 797 -9.62 -11.55 4.78
N ASN A 798 -10.17 -12.11 3.70
CA ASN A 798 -9.39 -12.86 2.72
C ASN A 798 -9.45 -12.23 1.33
N VAL A 799 -9.63 -10.91 1.27
CA VAL A 799 -9.66 -10.19 0.00
C VAL A 799 -8.84 -8.91 0.16
N GLY A 800 -8.47 -8.34 -0.99
CA GLY A 800 -7.65 -7.14 -1.01
C GLY A 800 -8.28 -6.01 -1.79
N PRO A 801 -7.71 -4.81 -1.68
CA PRO A 801 -8.29 -3.67 -2.37
C PRO A 801 -8.32 -3.90 -3.87
N PRO A 802 -9.36 -3.39 -4.55
CA PRO A 802 -9.45 -3.60 -6.01
C PRO A 802 -8.66 -2.60 -6.83
N VAL A 803 -7.38 -2.86 -7.06
CA VAL A 803 -6.56 -1.97 -7.86
C VAL A 803 -7.10 -1.87 -9.28
N TYR A 804 -7.29 -0.65 -9.77
CA TYR A 804 -7.68 -0.38 -11.14
C TYR A 804 -6.47 0.07 -11.95
N MET A 805 -6.48 -0.26 -13.25
CA MET A 805 -5.37 0.06 -14.16
C MET A 805 -5.91 0.95 -15.27
N VAL A 806 -5.90 2.26 -15.02
CA VAL A 806 -6.47 3.22 -15.97
C VAL A 806 -5.52 3.41 -17.14
N VAL A 807 -6.08 3.43 -18.34
CA VAL A 807 -5.34 3.66 -19.58
C VAL A 807 -5.97 4.85 -20.28
N LYS A 808 -5.14 5.80 -20.70
CA LYS A 808 -5.61 7.05 -21.28
C LYS A 808 -4.98 7.28 -22.65
N ASN A 809 -5.68 8.05 -23.48
CA ASN A 809 -5.18 8.50 -24.77
C ASN A 809 -4.59 7.35 -25.57
N LEU A 810 -5.46 6.38 -25.88
CA LEU A 810 -5.10 5.27 -26.77
C LEU A 810 -6.21 5.12 -27.80
N ASP A 811 -5.81 4.88 -29.05
CA ASP A 811 -6.76 4.92 -30.15
C ASP A 811 -7.78 3.79 -30.05
N LEU A 812 -7.31 2.56 -29.87
CA LEU A 812 -8.16 1.38 -29.82
C LEU A 812 -9.04 1.22 -31.06
N THR A 813 -8.70 1.92 -32.14
CA THR A 813 -9.37 1.76 -33.42
C THR A 813 -8.44 1.30 -34.53
N LYS A 814 -7.13 1.40 -34.33
CA LYS A 814 -6.14 0.89 -35.27
C LYS A 814 -5.57 -0.42 -34.73
N ARG A 815 -5.43 -1.41 -35.62
CA ARG A 815 -5.06 -2.75 -35.18
C ARG A 815 -3.76 -2.75 -34.40
N GLN A 816 -2.89 -1.77 -34.64
CA GLN A 816 -1.61 -1.72 -33.92
C GLN A 816 -1.84 -1.53 -32.43
N ASN A 817 -2.78 -0.68 -32.05
CA ASN A 817 -2.99 -0.37 -30.63
C ASN A 817 -3.69 -1.51 -29.91
N GLN A 818 -4.65 -2.16 -30.55
CA GLN A 818 -5.37 -3.24 -29.90
C GLN A 818 -4.43 -4.36 -29.47
N GLN A 819 -3.37 -4.60 -30.24
CA GLN A 819 -2.44 -5.68 -29.93
C GLN A 819 -1.60 -5.40 -28.70
N LYS A 820 -1.63 -4.19 -28.16
CA LYS A 820 -0.91 -3.85 -26.94
C LYS A 820 -1.71 -4.15 -25.68
N ILE A 821 -2.97 -4.57 -25.81
CA ILE A 821 -3.80 -4.97 -24.69
C ILE A 821 -4.36 -6.37 -24.87
N CYS A 822 -4.09 -7.01 -26.00
CA CYS A 822 -4.56 -8.37 -26.24
C CYS A 822 -4.03 -9.32 -25.19
N GLY A 823 -4.88 -10.27 -24.80
CA GLY A 823 -4.49 -11.28 -23.82
C GLY A 823 -4.99 -12.66 -24.16
N LYS A 824 -5.76 -12.78 -25.24
CA LYS A 824 -6.42 -14.04 -25.56
C LYS A 824 -6.27 -14.43 -27.03
N PHE A 825 -5.53 -13.66 -27.82
CA PHE A 825 -5.37 -13.93 -29.24
C PHE A 825 -3.89 -14.15 -29.55
N THR A 826 -3.63 -14.74 -30.72
CA THR A 826 -2.31 -15.24 -31.06
C THR A 826 -1.43 -14.18 -31.72
N THR A 827 -1.96 -13.45 -32.69
CA THR A 827 -1.13 -12.55 -33.48
C THR A 827 -0.70 -11.31 -32.73
N CYS A 828 -1.21 -11.07 -31.52
CA CYS A 828 -0.89 -9.85 -30.80
C CYS A 828 0.51 -9.91 -30.20
N GLU A 829 0.94 -8.77 -29.67
CA GLU A 829 2.25 -8.67 -29.05
C GLU A 829 2.33 -9.56 -27.81
N ARG A 830 3.55 -9.99 -27.50
CA ARG A 830 3.77 -10.81 -26.31
C ARG A 830 3.89 -9.97 -25.04
N ASP A 831 4.40 -8.75 -25.14
CA ASP A 831 4.52 -7.86 -23.99
C ASP A 831 3.26 -7.03 -23.76
N SER A 832 2.11 -7.49 -24.25
CA SER A 832 0.87 -6.75 -24.10
C SER A 832 0.55 -6.56 -22.62
N LEU A 833 -0.43 -5.69 -22.36
CA LEU A 833 -0.83 -5.42 -20.98
C LEU A 833 -1.37 -6.68 -20.32
N ALA A 834 -2.16 -7.48 -21.05
CA ALA A 834 -2.77 -8.66 -20.45
C ALA A 834 -1.74 -9.75 -20.19
N ASN A 835 -0.74 -9.88 -21.07
CA ASN A 835 0.26 -10.92 -20.90
C ASN A 835 1.18 -10.60 -19.72
N VAL A 836 1.64 -9.35 -19.62
CA VAL A 836 2.54 -8.98 -18.53
C VAL A 836 1.83 -9.14 -17.20
N LEU A 837 0.59 -8.65 -17.10
CA LEU A 837 -0.14 -8.75 -15.84
C LEU A 837 -0.45 -10.20 -15.49
N GLU A 838 -0.57 -11.07 -16.49
CA GLU A 838 -0.79 -12.48 -16.21
C GLU A 838 0.45 -13.11 -15.55
N GLN A 839 1.64 -12.73 -16.01
CA GLN A 839 2.87 -13.28 -15.45
C GLN A 839 3.20 -12.66 -14.10
N GLU A 840 2.90 -11.39 -13.89
CA GLU A 840 3.18 -10.75 -12.62
C GLU A 840 2.08 -11.06 -11.61
N ARG A 841 1.76 -12.34 -11.47
CA ARG A 841 0.79 -12.81 -10.49
C ARG A 841 1.35 -13.83 -9.53
N HIS A 842 2.47 -14.48 -9.87
CA HIS A 842 3.12 -15.44 -8.99
C HIS A 842 4.25 -14.82 -8.18
N ARG A 843 4.72 -13.63 -8.54
CA ARG A 843 5.80 -12.96 -7.82
C ARG A 843 5.37 -11.66 -7.17
N SER A 844 4.37 -10.98 -7.72
CA SER A 844 3.93 -9.69 -7.21
C SER A 844 2.74 -9.86 -6.28
N THR A 845 2.22 -8.74 -5.79
CA THR A 845 1.08 -8.74 -4.88
C THR A 845 -0.26 -8.74 -5.60
N ILE A 846 -0.31 -8.27 -6.85
CA ILE A 846 -1.55 -8.23 -7.62
C ILE A 846 -1.78 -9.63 -8.17
N THR A 847 -2.59 -10.43 -7.46
CA THR A 847 -2.79 -11.84 -7.79
C THR A 847 -4.07 -12.10 -8.58
N GLU A 848 -5.19 -11.51 -8.17
CA GLU A 848 -6.47 -11.91 -8.72
C GLU A 848 -6.57 -11.56 -10.19
N PRO A 849 -7.41 -12.28 -10.94
CA PRO A 849 -7.41 -12.14 -12.40
C PRO A 849 -7.85 -10.77 -12.87
N LEU A 850 -7.36 -10.40 -14.05
CA LEU A 850 -7.68 -9.12 -14.66
C LEU A 850 -8.97 -9.21 -15.47
N ALA A 851 -9.77 -8.15 -15.44
CA ALA A 851 -11.05 -8.08 -16.14
C ALA A 851 -10.84 -7.24 -17.40
N ASN A 852 -10.49 -7.90 -18.50
CA ASN A 852 -10.19 -7.23 -19.75
C ASN A 852 -11.47 -7.04 -20.55
N TRP A 853 -11.86 -5.78 -20.76
CA TRP A 853 -13.06 -5.50 -21.55
C TRP A 853 -12.81 -5.59 -23.04
N LEU A 854 -11.55 -5.53 -23.48
CA LEU A 854 -11.27 -5.60 -24.91
C LEU A 854 -11.36 -7.02 -25.43
N ASP A 855 -10.96 -8.01 -24.63
CA ASP A 855 -11.09 -9.39 -25.05
C ASP A 855 -12.54 -9.86 -24.98
N ASP A 856 -13.31 -9.33 -24.04
CA ASP A 856 -14.75 -9.64 -24.01
C ASP A 856 -15.44 -9.08 -25.23
N TYR A 857 -15.03 -7.89 -25.68
CA TYR A 857 -15.68 -7.27 -26.83
C TYR A 857 -15.50 -8.12 -28.08
N PHE A 858 -14.28 -8.63 -28.31
CA PHE A 858 -14.04 -9.40 -29.53
C PHE A 858 -14.68 -10.77 -29.46
N MET A 859 -14.71 -11.39 -28.27
CA MET A 859 -15.42 -12.65 -28.12
C MET A 859 -16.91 -12.49 -28.37
N PHE A 860 -17.47 -11.33 -28.02
CA PHE A 860 -18.89 -11.10 -28.22
C PHE A 860 -19.28 -11.15 -29.69
N LEU A 861 -18.35 -10.80 -30.58
CA LEU A 861 -18.60 -10.87 -32.02
C LEU A 861 -18.40 -12.27 -32.59
N ASN A 862 -18.01 -13.23 -31.76
CA ASN A 862 -17.74 -14.57 -32.25
C ASN A 862 -19.00 -15.15 -32.90
N PRO A 863 -18.91 -15.63 -34.15
CA PRO A 863 -20.11 -16.21 -34.77
C PRO A 863 -20.63 -17.45 -34.06
N GLN A 864 -19.80 -18.13 -33.28
CA GLN A 864 -20.28 -19.30 -32.55
C GLN A 864 -21.39 -18.92 -31.59
N ASN A 865 -21.21 -17.82 -30.85
CA ASN A 865 -22.25 -17.31 -29.95
C ASN A 865 -23.24 -16.51 -30.79
N ASP A 866 -24.12 -17.24 -31.49
CA ASP A 866 -25.03 -16.61 -32.45
C ASP A 866 -25.97 -15.63 -31.76
N GLN A 867 -26.50 -15.99 -30.59
CA GLN A 867 -27.49 -15.15 -29.94
C GLN A 867 -26.94 -13.78 -29.55
N CYS A 868 -25.63 -13.65 -29.39
CA CYS A 868 -25.08 -12.43 -28.82
C CYS A 868 -25.18 -11.25 -29.78
N CYS A 869 -24.77 -11.42 -31.03
CA CYS A 869 -24.61 -10.31 -31.96
C CYS A 869 -25.66 -10.37 -33.07
N ARG A 870 -26.90 -10.69 -32.72
CA ARG A 870 -27.96 -10.79 -33.71
C ARG A 870 -28.26 -9.41 -34.30
N LEU A 871 -28.34 -9.36 -35.63
CA LEU A 871 -28.66 -8.14 -36.35
C LEU A 871 -29.72 -8.44 -37.41
N LYS A 872 -30.70 -7.55 -37.52
CA LYS A 872 -31.77 -7.75 -38.50
C LYS A 872 -31.18 -7.89 -39.89
N LYS A 873 -31.59 -8.94 -40.60
CA LYS A 873 -31.05 -9.22 -41.92
C LYS A 873 -31.44 -8.12 -42.89
N GLY A 874 -30.48 -7.72 -43.72
CA GLY A 874 -30.70 -6.65 -44.68
C GLY A 874 -30.54 -5.25 -44.12
N THR A 875 -30.24 -5.11 -42.82
CA THR A 875 -30.09 -3.81 -42.21
C THR A 875 -29.08 -3.91 -41.08
N ASP A 876 -28.57 -2.75 -40.67
CA ASP A 876 -27.65 -2.66 -39.53
C ASP A 876 -28.37 -2.50 -38.20
N GLU A 877 -29.69 -2.43 -38.21
CA GLU A 877 -30.44 -2.29 -36.96
C GLU A 877 -30.28 -3.52 -36.09
N VAL A 878 -30.33 -3.30 -34.78
CA VAL A 878 -30.17 -4.40 -33.83
C VAL A 878 -31.45 -5.23 -33.77
N CYS A 879 -31.30 -6.54 -33.74
CA CYS A 879 -32.44 -7.42 -33.60
C CYS A 879 -33.13 -7.16 -32.26
N PRO A 880 -34.43 -6.89 -32.24
CA PRO A 880 -35.10 -6.66 -30.97
C PRO A 880 -35.03 -7.89 -30.09
N PRO A 881 -34.98 -7.71 -28.77
CA PRO A 881 -35.01 -8.89 -27.89
C PRO A 881 -36.29 -9.69 -28.02
N SER A 882 -37.37 -9.08 -28.49
CA SER A 882 -38.65 -9.76 -28.69
C SER A 882 -38.80 -10.35 -30.09
N PHE A 883 -37.69 -10.73 -30.71
CA PHE A 883 -37.68 -11.29 -32.07
C PHE A 883 -36.96 -12.62 -32.04
N PRO A 884 -37.56 -13.65 -31.42
CA PRO A 884 -36.95 -14.99 -31.37
C PRO A 884 -37.24 -15.82 -32.63
N SER A 885 -37.04 -15.20 -33.79
CA SER A 885 -37.31 -15.83 -35.08
C SER A 885 -36.10 -15.65 -35.98
N ARG A 886 -36.17 -16.23 -37.18
CA ARG A 886 -35.08 -16.13 -38.13
C ARG A 886 -35.17 -14.82 -38.93
N ARG A 887 -35.29 -13.71 -38.23
CA ARG A 887 -35.31 -12.39 -38.83
C ARG A 887 -33.99 -11.65 -38.67
N CYS A 888 -33.01 -12.27 -38.02
CA CYS A 888 -31.73 -11.63 -37.77
C CYS A 888 -30.65 -12.70 -37.66
N GLU A 889 -29.43 -12.31 -38.04
CA GLU A 889 -28.29 -13.22 -38.08
C GLU A 889 -27.12 -12.60 -37.32
N THR A 890 -26.00 -13.33 -37.31
CA THR A 890 -24.82 -12.86 -36.58
C THR A 890 -24.15 -11.72 -37.32
N CYS A 891 -23.46 -10.86 -36.56
CA CYS A 891 -22.78 -9.72 -37.16
C CYS A 891 -21.68 -10.16 -38.11
N PHE A 892 -20.90 -11.16 -37.72
CA PHE A 892 -19.78 -11.65 -38.52
C PHE A 892 -20.08 -13.05 -39.01
N GLN A 893 -19.87 -13.29 -40.30
CA GLN A 893 -20.12 -14.60 -40.87
C GLN A 893 -19.09 -15.60 -40.35
N GLN A 894 -19.23 -16.86 -40.76
CA GLN A 894 -18.36 -17.91 -40.25
C GLN A 894 -16.91 -17.64 -40.60
N GLY A 895 -16.65 -17.23 -41.85
CA GLY A 895 -15.30 -17.00 -42.30
C GLY A 895 -14.73 -15.63 -42.03
N SER A 896 -15.53 -14.72 -41.48
CA SER A 896 -15.09 -13.35 -41.24
C SER A 896 -14.44 -13.15 -39.88
N TRP A 897 -14.41 -14.20 -39.04
CA TRP A 897 -13.84 -14.10 -37.70
C TRP A 897 -12.78 -15.18 -37.54
N ASN A 898 -11.57 -14.77 -37.14
CA ASN A 898 -10.47 -15.70 -36.94
C ASN A 898 -9.72 -15.33 -35.67
N TYR A 899 -9.02 -16.30 -35.11
CA TYR A 899 -8.32 -16.09 -33.86
C TYR A 899 -7.05 -15.25 -34.02
N ASN A 900 -6.56 -15.08 -35.25
CA ASN A 900 -5.38 -14.27 -35.49
C ASN A 900 -5.74 -12.87 -36.01
N MET A 901 -6.87 -12.33 -35.54
CA MET A 901 -7.30 -10.97 -35.86
C MET A 901 -7.25 -10.71 -37.36
N SER A 902 -7.98 -11.55 -38.10
CA SER A 902 -8.01 -11.42 -39.56
C SER A 902 -9.19 -10.58 -40.04
N GLY A 903 -10.27 -10.49 -39.27
CA GLY A 903 -11.43 -9.75 -39.68
C GLY A 903 -12.08 -8.97 -38.55
N PHE A 904 -11.30 -8.63 -37.53
CA PHE A 904 -11.85 -7.91 -36.40
C PHE A 904 -12.19 -6.47 -36.81
N PRO A 905 -13.10 -5.82 -36.08
CA PRO A 905 -13.45 -4.44 -36.43
C PRO A 905 -12.24 -3.52 -36.35
N GLU A 906 -12.19 -2.56 -37.28
CA GLU A 906 -11.11 -1.59 -37.32
C GLU A 906 -11.67 -0.27 -37.83
N GLY A 907 -11.00 0.82 -37.45
CA GLY A 907 -11.46 2.13 -37.89
C GLY A 907 -12.83 2.45 -37.35
N LYS A 908 -13.66 3.08 -38.19
CA LYS A 908 -14.98 3.51 -37.76
C LYS A 908 -15.84 2.32 -37.33
N ASP A 909 -15.62 1.15 -37.92
CA ASP A 909 -16.43 -0.01 -37.56
C ASP A 909 -16.27 -0.38 -36.10
N PHE A 910 -15.12 -0.04 -35.50
CA PHE A 910 -14.91 -0.39 -34.10
C PHE A 910 -15.92 0.29 -33.20
N MET A 911 -16.21 1.57 -33.46
CA MET A 911 -17.17 2.30 -32.64
C MET A 911 -18.61 2.04 -33.05
N GLU A 912 -18.84 1.45 -34.22
CA GLU A 912 -20.20 1.11 -34.63
C GLU A 912 -20.73 -0.07 -33.83
N TYR A 913 -19.91 -1.10 -33.63
CA TYR A 913 -20.33 -2.27 -32.88
C TYR A 913 -20.14 -2.09 -31.38
N LEU A 914 -19.25 -1.21 -30.95
CA LEU A 914 -19.08 -0.96 -29.52
C LEU A 914 -20.31 -0.31 -28.91
N SER A 915 -21.19 0.26 -29.72
CA SER A 915 -22.42 0.87 -29.22
C SER A 915 -23.55 -0.13 -29.05
N ILE A 916 -23.38 -1.36 -29.55
CA ILE A 916 -24.37 -2.42 -29.32
C ILE A 916 -23.87 -3.49 -28.36
N TRP A 917 -22.55 -3.63 -28.19
CA TRP A 917 -22.05 -4.51 -27.14
C TRP A 917 -22.26 -3.90 -25.77
N ILE A 918 -21.94 -2.61 -25.62
CA ILE A 918 -22.07 -1.94 -24.32
C ILE A 918 -23.51 -1.61 -23.98
N ASN A 919 -24.47 -1.98 -24.83
CA ASN A 919 -25.89 -1.86 -24.53
C ASN A 919 -26.59 -3.21 -24.59
N ALA A 920 -25.84 -4.30 -24.48
CA ALA A 920 -26.42 -5.63 -24.59
C ALA A 920 -27.17 -6.01 -23.32
N PRO A 921 -28.28 -6.74 -23.46
CA PRO A 921 -29.04 -7.12 -22.24
C PRO A 921 -28.27 -8.04 -21.31
N SER A 922 -27.36 -8.84 -21.84
CA SER A 922 -26.55 -9.76 -21.04
C SER A 922 -27.35 -10.98 -20.57
N ASP A 923 -28.66 -10.99 -20.84
CA ASP A 923 -29.49 -12.12 -20.45
C ASP A 923 -29.35 -13.28 -21.43
N PRO A 924 -29.42 -13.04 -22.75
CA PRO A 924 -29.29 -14.16 -23.69
C PRO A 924 -27.97 -14.91 -23.53
N CYS A 925 -26.84 -14.20 -23.55
CA CYS A 925 -25.54 -14.82 -23.36
C CYS A 925 -24.72 -14.00 -22.38
N PRO A 926 -23.76 -14.63 -21.69
CA PRO A 926 -23.01 -13.91 -20.65
C PRO A 926 -22.04 -12.87 -21.18
N LEU A 927 -21.84 -12.78 -22.49
CA LEU A 927 -20.84 -11.88 -23.05
C LEU A 927 -21.36 -10.46 -23.25
N GLY A 928 -22.59 -10.17 -22.84
CA GLY A 928 -23.06 -8.80 -22.90
C GLY A 928 -22.23 -7.88 -22.02
N GLY A 929 -22.15 -6.62 -22.43
CA GLY A 929 -21.26 -5.68 -21.77
C GLY A 929 -21.96 -4.56 -21.03
N ARG A 930 -23.29 -4.52 -21.08
CA ARG A 930 -24.01 -3.44 -20.42
C ARG A 930 -23.84 -3.49 -18.91
N ALA A 931 -23.89 -4.68 -18.33
CA ALA A 931 -23.84 -4.78 -16.88
C ALA A 931 -22.41 -4.67 -16.34
N PRO A 932 -21.46 -5.45 -16.86
CA PRO A 932 -20.12 -5.44 -16.24
C PRO A 932 -19.31 -4.19 -16.57
N TYR A 933 -19.30 -3.76 -17.83
CA TYR A 933 -18.40 -2.71 -18.30
C TYR A 933 -19.17 -1.48 -18.79
N SER A 934 -20.20 -1.07 -18.06
CA SER A 934 -20.90 0.17 -18.41
C SER A 934 -20.08 1.39 -18.03
N THR A 935 -19.45 1.37 -16.85
CA THR A 935 -18.72 2.52 -16.33
C THR A 935 -17.21 2.38 -16.50
N ALA A 936 -16.74 1.35 -17.22
CA ALA A 936 -15.33 1.16 -17.47
C ALA A 936 -14.89 1.72 -18.82
N LEU A 937 -15.71 2.58 -19.42
CA LEU A 937 -15.38 3.20 -20.70
C LEU A 937 -15.80 4.66 -20.66
N VAL A 938 -15.04 5.50 -21.36
CA VAL A 938 -15.38 6.91 -21.56
C VAL A 938 -15.27 7.15 -23.06
N TYR A 939 -16.39 6.99 -23.77
CA TYR A 939 -16.39 7.04 -25.23
C TYR A 939 -17.43 8.03 -25.71
N ASN A 940 -17.19 8.57 -26.90
CA ASN A 940 -18.05 9.58 -27.52
C ASN A 940 -18.29 9.25 -28.99
N GLU A 941 -18.65 8.00 -29.25
CA GLU A 941 -19.00 7.50 -30.58
C GLU A 941 -17.96 7.83 -31.64
N THR A 942 -16.77 8.23 -31.23
CA THR A 942 -15.65 8.38 -32.15
C THR A 942 -14.32 7.97 -31.55
N SER A 943 -14.29 7.47 -30.31
CA SER A 943 -13.06 7.08 -29.64
C SER A 943 -13.43 6.50 -28.28
N VAL A 944 -12.45 5.86 -27.66
CA VAL A 944 -12.61 5.20 -26.36
C VAL A 944 -11.62 5.80 -25.38
N SER A 945 -11.42 7.12 -25.47
CA SER A 945 -10.27 7.82 -24.90
C SER A 945 -9.74 7.20 -23.61
N ALA A 946 -10.62 6.85 -22.67
CA ALA A 946 -10.21 6.26 -21.41
C ALA A 946 -10.80 4.87 -21.27
N SER A 947 -10.30 4.13 -20.28
CA SER A 947 -10.80 2.79 -20.00
C SER A 947 -10.10 2.29 -18.73
N VAL A 948 -10.72 1.29 -18.10
CA VAL A 948 -10.27 0.80 -16.80
C VAL A 948 -10.27 -0.73 -16.82
N PHE A 949 -9.20 -1.32 -16.29
CA PHE A 949 -9.09 -2.75 -16.09
C PHE A 949 -8.94 -3.02 -14.60
N ARG A 950 -9.79 -3.90 -14.06
CA ARG A 950 -9.86 -4.11 -12.62
C ARG A 950 -9.12 -5.37 -12.22
N THR A 951 -8.38 -5.28 -11.12
CA THR A 951 -7.64 -6.40 -10.54
C THR A 951 -7.83 -6.33 -9.04
N ALA A 952 -6.97 -7.02 -8.29
CA ALA A 952 -7.01 -6.91 -6.84
C ALA A 952 -5.70 -7.40 -6.26
N HIS A 953 -5.42 -6.96 -5.02
CA HIS A 953 -4.28 -7.45 -4.27
C HIS A 953 -4.68 -8.70 -3.49
N HIS A 954 -3.73 -9.22 -2.70
CA HIS A 954 -4.00 -10.34 -1.82
C HIS A 954 -4.26 -9.78 -0.42
N PRO A 955 -4.56 -10.63 0.58
CA PRO A 955 -5.15 -10.11 1.83
C PRO A 955 -4.53 -8.86 2.43
N LEU A 956 -3.20 -8.68 2.37
CA LEU A 956 -2.55 -7.50 2.93
C LEU A 956 -2.82 -7.39 4.44
N ARG A 957 -2.24 -8.32 5.19
CA ARG A 957 -2.50 -8.47 6.62
C ARG A 957 -1.45 -7.80 7.49
N SER A 958 -0.89 -6.67 7.09
CA SER A 958 0.09 -6.00 7.94
C SER A 958 0.44 -4.64 7.36
N GLN A 959 1.17 -3.85 8.15
CA GLN A 959 1.66 -2.56 7.69
C GLN A 959 2.82 -2.73 6.72
N LYS A 960 3.55 -3.84 6.80
CA LYS A 960 4.63 -4.10 5.85
C LYS A 960 4.08 -4.52 4.49
N ASP A 961 2.93 -5.20 4.46
CA ASP A 961 2.34 -5.59 3.20
C ASP A 961 1.71 -4.41 2.47
N PHE A 962 1.21 -3.42 3.22
CA PHE A 962 0.64 -2.24 2.59
C PHE A 962 1.71 -1.47 1.83
N ILE A 963 2.89 -1.31 2.43
CA ILE A 963 3.97 -0.61 1.75
C ILE A 963 4.50 -1.43 0.59
N GLN A 964 4.61 -2.75 0.78
CA GLN A 964 5.07 -3.61 -0.31
C GLN A 964 4.08 -3.60 -1.48
N ALA A 965 2.78 -3.62 -1.17
CA ALA A 965 1.78 -3.61 -2.24
C ALA A 965 1.83 -2.31 -3.03
N TYR A 966 1.98 -1.17 -2.34
CA TYR A 966 2.03 0.11 -3.03
C TYR A 966 3.22 0.16 -3.98
N SER A 967 4.34 -0.45 -3.61
CA SER A 967 5.50 -0.46 -4.49
C SER A 967 5.21 -1.24 -5.77
N ASP A 968 4.47 -2.34 -5.66
CA ASP A 968 4.14 -3.13 -6.86
C ASP A 968 3.30 -2.32 -7.84
N GLY A 969 2.33 -1.55 -7.33
CA GLY A 969 1.52 -0.74 -8.22
C GLY A 969 2.33 0.27 -8.99
N VAL A 970 3.28 0.93 -8.32
CA VAL A 970 4.16 1.87 -9.00
C VAL A 970 5.12 1.14 -9.92
N ARG A 971 5.66 0.01 -9.47
CA ARG A 971 6.61 -0.74 -10.28
C ARG A 971 5.96 -1.25 -11.56
N ILE A 972 4.76 -1.81 -11.45
CA ILE A 972 4.11 -2.40 -12.62
C ILE A 972 3.66 -1.31 -13.60
N SER A 973 3.14 -0.21 -13.08
CA SER A 973 2.65 0.85 -13.96
C SER A 973 3.76 1.49 -14.78
N SER A 974 5.02 1.27 -14.40
CA SER A 974 6.16 1.78 -15.15
C SER A 974 6.79 0.71 -16.03
N SER A 975 6.13 -0.43 -16.20
CA SER A 975 6.62 -1.50 -17.05
C SER A 975 6.04 -1.43 -18.47
N PHE A 976 5.27 -0.39 -18.79
CA PHE A 976 4.64 -0.24 -20.09
C PHE A 976 4.99 1.14 -20.63
N PRO A 977 6.21 1.31 -21.16
CA PRO A 977 6.62 2.64 -21.66
C PRO A 977 5.76 3.14 -22.81
N GLU A 978 5.10 2.27 -23.55
CA GLU A 978 4.33 2.68 -24.72
C GLU A 978 2.89 3.09 -24.40
N LEU A 979 2.47 2.95 -23.14
CA LEU A 979 1.12 3.30 -22.72
C LEU A 979 1.17 4.45 -21.73
N ASP A 980 -0.01 5.00 -21.43
CA ASP A 980 -0.18 6.04 -20.41
C ASP A 980 -0.81 5.46 -19.15
N MET A 981 -0.46 4.22 -18.83
CA MET A 981 -1.10 3.51 -17.73
C MET A 981 -0.72 4.10 -16.39
N PHE A 982 -1.65 4.03 -15.43
CA PHE A 982 -1.36 4.33 -14.04
C PHE A 982 -2.34 3.57 -13.18
N ALA A 983 -1.83 2.80 -12.22
CA ALA A 983 -2.67 2.02 -11.32
C ALA A 983 -3.25 2.91 -10.22
N TYR A 984 -4.47 2.57 -9.79
CA TYR A 984 -5.15 3.32 -8.74
C TYR A 984 -5.89 2.36 -7.83
N SER A 985 -5.58 2.41 -6.54
CA SER A 985 -6.34 1.69 -5.52
C SER A 985 -6.69 2.66 -4.40
N PRO A 986 -7.77 2.41 -3.67
CA PRO A 986 -8.24 3.42 -2.71
C PRO A 986 -7.21 3.82 -1.66
N PHE A 987 -6.34 2.91 -1.25
CA PHE A 987 -5.43 3.18 -0.14
C PHE A 987 -4.09 3.74 -0.58
N TYR A 988 -3.86 3.92 -1.88
CA TYR A 988 -2.52 4.32 -2.35
C TYR A 988 -2.16 5.70 -1.84
N ILE A 989 -3.11 6.63 -1.83
CA ILE A 989 -2.79 8.01 -1.47
C ILE A 989 -2.28 8.11 -0.04
N PHE A 990 -2.67 7.16 0.82
CA PHE A 990 -2.29 7.21 2.23
C PHE A 990 -0.89 6.66 2.49
N PHE A 991 -0.25 6.04 1.51
CA PHE A 991 1.06 5.43 1.68
C PHE A 991 2.08 6.02 0.73
N VAL A 992 1.87 7.26 0.28
CA VAL A 992 2.75 7.88 -0.70
C VAL A 992 4.01 8.48 -0.07
N GLN A 993 4.10 8.49 1.25
CA GLN A 993 5.25 9.08 1.92
C GLN A 993 6.39 8.09 2.11
N TYR A 994 6.09 6.80 2.32
CA TYR A 994 7.13 5.82 2.62
C TYR A 994 7.98 5.47 1.41
N GLN A 995 7.57 5.85 0.20
CA GLN A 995 8.38 5.56 -0.97
C GLN A 995 9.73 6.27 -0.90
N THR A 996 9.72 7.53 -0.45
CA THR A 996 10.94 8.34 -0.39
C THR A 996 11.22 8.82 1.03
N LEU A 997 10.88 8.02 2.03
CA LEU A 997 11.20 8.37 3.41
C LEU A 997 12.61 7.96 3.81
N GLY A 998 13.30 7.18 2.99
CA GLY A 998 14.66 6.82 3.25
C GLY A 998 15.62 7.97 2.98
N PRO A 999 15.71 8.38 1.72
CA PRO A 999 16.54 9.54 1.40
C PRO A 999 16.10 10.81 2.12
N LEU A 1000 14.80 11.01 2.32
CA LEU A 1000 14.31 12.26 2.88
C LEU A 1000 14.83 12.49 4.29
N THR A 1001 14.77 11.46 5.14
CA THR A 1001 15.14 11.66 6.53
C THR A 1001 16.63 11.97 6.67
N LEU A 1002 17.47 11.44 5.78
CA LEU A 1002 18.88 11.80 5.80
C LEU A 1002 19.08 13.27 5.44
N LYS A 1003 18.34 13.77 4.44
CA LYS A 1003 18.51 15.16 4.02
C LYS A 1003 18.04 16.13 5.09
N LEU A 1004 16.86 15.89 5.66
CA LEU A 1004 16.32 16.81 6.65
C LEU A 1004 17.21 16.85 7.89
N ILE A 1005 17.60 15.68 8.40
CA ILE A 1005 18.48 15.64 9.56
C ILE A 1005 19.88 16.11 9.19
N GLY A 1006 20.40 15.65 8.06
CA GLY A 1006 21.70 16.13 7.62
C GLY A 1006 21.73 17.62 7.40
N SER A 1007 20.63 18.18 6.89
CA SER A 1007 20.55 19.62 6.70
C SER A 1007 20.50 20.35 8.04
N ALA A 1008 19.78 19.79 9.01
CA ALA A 1008 19.66 20.45 10.31
C ALA A 1008 21.00 20.50 11.02
N ILE A 1009 21.77 19.41 10.97
CA ILE A 1009 23.07 19.39 11.64
C ILE A 1009 24.01 20.40 11.00
N ILE A 1010 23.99 20.50 9.67
CA ILE A 1010 24.83 21.48 8.99
C ILE A 1010 24.44 22.89 9.42
N LEU A 1011 23.14 23.16 9.51
CA LEU A 1011 22.70 24.49 9.92
C LEU A 1011 23.15 24.81 11.34
N ILE A 1012 23.09 23.84 12.25
CA ILE A 1012 23.51 24.07 13.62
C ILE A 1012 24.98 24.46 13.66
N PHE A 1013 25.82 23.77 12.89
CA PHE A 1013 27.24 24.08 12.88
C PHE A 1013 27.49 25.51 12.38
N PHE A 1014 26.76 25.91 11.33
CA PHE A 1014 27.00 27.23 10.73
C PHE A 1014 26.71 28.35 11.73
N ILE A 1015 25.56 28.30 12.39
CA ILE A 1015 25.20 29.37 13.32
C ILE A 1015 26.12 29.36 14.53
N SER A 1016 26.52 28.16 14.99
CA SER A 1016 27.39 28.09 16.16
C SER A 1016 28.72 28.80 15.90
N SER A 1017 29.30 28.59 14.72
CA SER A 1017 30.57 29.24 14.40
C SER A 1017 30.43 30.76 14.40
N VAL A 1018 29.31 31.28 13.88
CA VAL A 1018 29.12 32.72 13.81
C VAL A 1018 29.11 33.33 15.20
N PHE A 1019 28.41 32.70 16.14
CA PHE A 1019 28.23 33.26 17.47
C PHE A 1019 29.40 32.94 18.40
N LEU A 1020 29.73 31.65 18.53
CA LEU A 1020 30.85 31.28 19.41
C LEU A 1020 32.17 31.84 18.92
N GLN A 1021 32.28 32.16 17.64
CA GLN A 1021 33.52 32.70 17.07
C GLN A 1021 34.70 31.77 17.34
N ASN A 1022 34.45 30.46 17.21
CA ASN A 1022 35.51 29.48 17.41
C ASN A 1022 35.11 28.22 16.66
N ILE A 1023 35.82 27.92 15.57
CA ILE A 1023 35.48 26.77 14.74
C ILE A 1023 35.64 25.48 15.53
N ARG A 1024 36.70 25.38 16.33
CA ARG A 1024 36.95 24.15 17.07
C ARG A 1024 35.81 23.86 18.04
N SER A 1025 35.32 24.87 18.75
CA SER A 1025 34.19 24.67 19.65
C SER A 1025 32.94 24.27 18.90
N SER A 1026 32.68 24.92 17.75
CA SER A 1026 31.48 24.61 16.99
C SER A 1026 31.47 23.16 16.52
N PHE A 1027 32.62 22.68 16.03
CA PHE A 1027 32.68 21.30 15.53
C PHE A 1027 32.36 20.31 16.62
N LEU A 1028 32.85 20.55 17.84
CA LEU A 1028 32.55 19.65 18.94
C LEU A 1028 31.05 19.64 19.23
N LEU A 1029 30.40 20.80 19.19
CA LEU A 1029 28.96 20.85 19.41
C LEU A 1029 28.21 20.05 18.35
N ALA A 1030 28.61 20.20 17.09
CA ALA A 1030 27.96 19.44 16.02
C ALA A 1030 28.20 17.95 16.18
N LEU A 1031 29.38 17.57 16.65
CA LEU A 1031 29.68 16.15 16.85
C LEU A 1031 28.86 15.56 17.98
N VAL A 1032 28.59 16.35 19.03
CA VAL A 1032 27.76 15.85 20.12
C VAL A 1032 26.31 15.72 19.68
N VAL A 1033 25.80 16.69 18.92
CA VAL A 1033 24.41 16.64 18.50
C VAL A 1033 24.15 15.43 17.61
N THR A 1034 25.04 15.19 16.65
CA THR A 1034 24.89 14.01 15.79
C THR A 1034 25.03 12.72 16.57
N MET A 1035 25.71 12.76 17.72
CA MET A 1035 25.81 11.57 18.57
C MET A 1035 24.52 11.29 19.31
N ILE A 1036 23.77 12.34 19.67
CA ILE A 1036 22.49 12.13 20.32
C ILE A 1036 21.46 11.56 19.35
N ILE A 1037 21.42 12.09 18.13
CA ILE A 1037 20.42 11.66 17.16
C ILE A 1037 20.61 10.18 16.83
N VAL A 1038 21.85 9.76 16.60
CA VAL A 1038 22.10 8.36 16.31
C VAL A 1038 21.71 7.49 17.50
N ASP A 1039 22.05 7.92 18.71
CA ASP A 1039 21.72 7.13 19.88
C ASP A 1039 20.21 6.96 20.04
N ILE A 1040 19.45 8.04 19.82
CA ILE A 1040 18.00 7.93 19.90
C ILE A 1040 17.47 7.07 18.76
N GLY A 1041 18.10 7.15 17.59
CA GLY A 1041 17.66 6.33 16.47
C GLY A 1041 17.71 4.86 16.78
N ALA A 1042 18.83 4.40 17.36
CA ALA A 1042 18.93 3.00 17.73
C ALA A 1042 17.93 2.64 18.81
N LEU A 1043 17.73 3.52 19.79
CA LEU A 1043 16.72 3.29 20.81
C LEU A 1043 15.32 3.32 20.24
N MET A 1044 15.12 3.96 19.09
CA MET A 1044 13.82 3.92 18.44
C MET A 1044 13.46 2.51 18.01
N ALA A 1045 14.43 1.77 17.48
CA ALA A 1045 14.18 0.39 17.08
C ALA A 1045 13.80 -0.46 18.28
N LEU A 1046 14.52 -0.32 19.39
CA LEU A 1046 14.26 -1.15 20.56
C LEU A 1046 12.89 -0.84 21.17
N LEU A 1047 12.57 0.44 21.32
CA LEU A 1047 11.31 0.83 21.95
C LEU A 1047 10.09 0.49 21.10
N GLY A 1048 10.28 0.21 19.81
CA GLY A 1048 9.17 -0.14 18.95
C GLY A 1048 8.56 1.02 18.19
N ILE A 1049 9.17 2.20 18.23
CA ILE A 1049 8.67 3.34 17.49
C ILE A 1049 9.02 3.17 16.02
N SER A 1050 8.06 3.47 15.13
CA SER A 1050 8.28 3.39 13.70
C SER A 1050 8.72 4.73 13.16
N LEU A 1051 8.90 4.81 11.85
CA LEU A 1051 9.38 6.02 11.17
C LEU A 1051 8.28 6.50 10.23
N ASN A 1052 7.56 7.55 10.62
CA ASN A 1052 6.52 8.18 9.84
C ASN A 1052 6.90 9.62 9.56
N ALA A 1053 5.95 10.38 9.01
CA ALA A 1053 6.07 11.82 8.97
C ALA A 1053 5.74 12.46 10.32
N VAL A 1054 5.16 11.70 11.25
CA VAL A 1054 4.86 12.20 12.58
C VAL A 1054 6.05 12.01 13.51
N SER A 1055 6.78 10.91 13.37
CA SER A 1055 7.98 10.66 14.17
C SER A 1055 9.25 11.12 13.48
N LEU A 1056 9.14 11.70 12.27
CA LEU A 1056 10.28 12.30 11.61
C LEU A 1056 10.44 13.77 12.00
N VAL A 1057 9.33 14.47 12.20
CA VAL A 1057 9.42 15.84 12.73
C VAL A 1057 9.85 15.83 14.19
N ASN A 1058 9.36 14.87 14.96
CA ASN A 1058 9.81 14.74 16.34
C ASN A 1058 11.31 14.51 16.42
N LEU A 1059 11.87 13.81 15.43
CA LEU A 1059 13.31 13.58 15.37
C LEU A 1059 14.07 14.75 14.78
N ILE A 1060 13.39 15.67 14.11
CA ILE A 1060 14.06 16.85 13.57
C ILE A 1060 14.09 17.97 14.60
N ILE A 1061 13.11 18.02 15.50
CA ILE A 1061 13.15 18.99 16.60
C ILE A 1061 13.91 18.46 17.80
N CYS A 1062 14.46 17.25 17.72
CA CYS A 1062 15.34 16.76 18.78
C CYS A 1062 16.70 17.43 18.72
N VAL A 1063 17.18 17.77 17.52
CA VAL A 1063 18.41 18.54 17.41
C VAL A 1063 18.21 19.94 17.97
N GLY A 1064 17.05 20.53 17.73
CA GLY A 1064 16.77 21.83 18.32
C GLY A 1064 16.77 21.78 19.83
N LEU A 1065 16.10 20.77 20.40
CA LEU A 1065 16.11 20.61 21.85
C LEU A 1065 17.44 20.08 22.35
N GLY A 1066 18.16 19.34 21.51
CA GLY A 1066 19.46 18.80 21.90
C GLY A 1066 20.59 19.79 21.83
N VAL A 1067 20.33 21.02 21.37
CA VAL A 1067 21.36 22.06 21.30
C VAL A 1067 21.18 22.98 22.51
N GLU A 1068 19.96 23.07 23.02
CA GLU A 1068 19.71 23.90 24.20
C GLU A 1068 20.53 23.40 25.38
N PHE A 1069 20.62 22.09 25.55
CA PHE A 1069 21.38 21.53 26.67
C PHE A 1069 22.86 21.89 26.58
N CYS A 1070 23.44 21.81 25.39
CA CYS A 1070 24.89 21.89 25.23
C CYS A 1070 25.38 23.27 24.84
N VAL A 1071 24.53 24.14 24.29
CA VAL A 1071 25.00 25.44 23.83
C VAL A 1071 25.48 26.29 25.00
N HIS A 1072 24.81 26.19 26.14
CA HIS A 1072 25.19 27.01 27.28
C HIS A 1072 26.55 26.58 27.85
N ILE A 1073 26.79 25.27 27.93
CA ILE A 1073 28.07 24.79 28.43
C ILE A 1073 29.20 25.22 27.52
N VAL A 1074 29.00 25.08 26.20
CA VAL A 1074 30.07 25.36 25.26
C VAL A 1074 30.46 26.83 25.29
N ARG A 1075 29.47 27.73 25.30
CA ARG A 1075 29.79 29.15 25.23
C ARG A 1075 30.57 29.61 26.45
N SER A 1076 30.16 29.17 27.65
CA SER A 1076 30.89 29.56 28.85
C SER A 1076 32.33 29.11 28.80
N PHE A 1077 32.59 27.97 28.15
CA PHE A 1077 33.97 27.50 27.99
C PHE A 1077 34.78 28.46 27.13
N THR A 1078 34.17 29.00 26.07
CA THR A 1078 34.91 29.87 25.15
C THR A 1078 35.16 31.24 25.75
N VAL A 1079 34.17 31.79 26.47
CA VAL A 1079 34.27 33.12 27.06
C VAL A 1079 34.41 32.95 28.57
N VAL A 1080 35.49 33.51 29.13
CA VAL A 1080 35.78 33.34 30.55
C VAL A 1080 36.33 34.66 31.10
N PRO A 1081 36.20 34.86 32.40
CA PRO A 1081 36.79 36.05 33.03
C PRO A 1081 38.31 36.02 32.99
N SER A 1082 38.91 37.21 33.06
CA SER A 1082 40.36 37.32 33.01
C SER A 1082 41.02 36.62 34.19
N GLU A 1083 40.44 36.76 35.39
CA GLU A 1083 41.08 36.22 36.59
C GLU A 1083 41.20 34.70 36.52
N THR A 1084 40.25 34.04 35.86
CA THR A 1084 40.29 32.58 35.78
C THR A 1084 41.47 32.12 34.94
N LYS A 1085 42.02 30.96 35.30
CA LYS A 1085 43.12 30.39 34.54
C LYS A 1085 42.65 29.99 33.15
N LYS A 1086 43.60 29.96 32.21
CA LYS A 1086 43.31 29.62 30.83
C LYS A 1086 43.46 28.14 30.52
N ASP A 1087 43.88 27.33 31.48
CA ASP A 1087 44.00 25.89 31.25
C ASP A 1087 42.62 25.30 31.01
N ALA A 1088 42.58 24.26 30.17
CA ALA A 1088 41.30 23.70 29.74
C ALA A 1088 40.48 23.21 30.92
N ASN A 1089 41.11 22.51 31.86
CA ASN A 1089 40.37 21.96 32.99
C ASN A 1089 39.74 23.07 33.84
N SER A 1090 40.48 24.16 34.06
CA SER A 1090 39.94 25.26 34.86
C SER A 1090 38.73 25.87 34.19
N ARG A 1091 38.78 26.10 32.88
CA ARG A 1091 37.67 26.75 32.19
C ARG A 1091 36.42 25.88 32.23
N VAL A 1092 36.55 24.61 31.88
CA VAL A 1092 35.38 23.73 31.86
C VAL A 1092 34.82 23.59 33.27
N LEU A 1093 35.69 23.48 34.28
CA LEU A 1093 35.21 23.47 35.66
C LEU A 1093 34.54 24.79 36.00
N TYR A 1094 35.09 25.91 35.51
CA TYR A 1094 34.47 27.20 35.73
C TYR A 1094 33.08 27.27 35.10
N SER A 1095 32.94 26.75 33.88
CA SER A 1095 31.65 26.82 33.19
C SER A 1095 30.58 26.07 33.97
N LEU A 1096 30.88 24.84 34.40
CA LEU A 1096 29.88 24.04 35.10
C LEU A 1096 29.47 24.70 36.40
N ASN A 1097 30.43 25.26 37.14
CA ASN A 1097 30.12 25.92 38.40
C ASN A 1097 29.29 27.18 38.19
N THR A 1098 29.26 27.73 36.98
CA THR A 1098 28.56 28.97 36.70
C THR A 1098 27.16 28.73 36.13
N ILE A 1099 27.08 27.98 35.02
CA ILE A 1099 25.81 27.74 34.35
C ILE A 1099 25.33 26.31 34.50
N GLY A 1100 26.08 25.45 35.20
CA GLY A 1100 25.66 24.08 35.36
C GLY A 1100 24.38 23.95 36.15
N GLU A 1101 24.24 24.74 37.22
CA GLU A 1101 23.05 24.64 38.07
C GLU A 1101 21.79 25.00 37.31
N SER A 1102 21.85 26.05 36.47
CA SER A 1102 20.66 26.46 35.73
C SER A 1102 20.21 25.38 34.74
N VAL A 1103 21.17 24.65 34.17
CA VAL A 1103 20.82 23.57 33.24
C VAL A 1103 20.03 22.48 33.97
N ILE A 1104 20.49 22.09 35.15
CA ILE A 1104 19.83 21.01 35.88
C ILE A 1104 18.47 21.46 36.39
N LYS A 1105 18.41 22.65 36.99
CA LYS A 1105 17.15 23.18 37.51
C LYS A 1105 16.27 23.80 36.44
N GLY A 1106 16.83 24.10 35.27
CA GLY A 1106 16.10 24.78 34.21
C GLY A 1106 15.82 23.88 33.03
N ILE A 1107 16.68 23.98 32.01
CA ILE A 1107 16.44 23.26 30.76
C ILE A 1107 16.18 21.79 31.03
N THR A 1108 16.88 21.20 32.00
CA THR A 1108 16.82 19.75 32.19
C THR A 1108 15.53 19.34 32.89
N LEU A 1109 15.30 19.82 34.11
CA LEU A 1109 14.19 19.30 34.90
C LEU A 1109 12.85 19.82 34.42
N THR A 1110 12.81 21.03 33.87
CA THR A 1110 11.52 21.58 33.45
C THR A 1110 10.88 20.72 32.37
N LYS A 1111 11.67 20.29 31.37
CA LYS A 1111 11.12 19.41 30.36
C LYS A 1111 10.71 18.06 30.95
N PHE A 1112 11.35 17.66 32.05
CA PHE A 1112 11.01 16.38 32.67
C PHE A 1112 9.56 16.37 33.15
N ILE A 1113 9.12 17.46 33.77
CA ILE A 1113 7.76 17.50 34.31
C ILE A 1113 6.73 17.50 33.18
N GLY A 1114 7.02 18.22 32.10
CA GLY A 1114 6.04 18.34 31.02
C GLY A 1114 5.75 17.01 30.35
N VAL A 1115 6.81 16.26 30.02
CA VAL A 1115 6.64 15.03 29.25
C VAL A 1115 5.92 13.97 30.06
N CYS A 1116 6.20 13.90 31.37
CA CYS A 1116 5.64 12.83 32.19
C CYS A 1116 4.11 12.84 32.15
N VAL A 1117 3.50 14.02 32.23
CA VAL A 1117 2.05 14.11 32.22
C VAL A 1117 1.50 13.63 30.88
N LEU A 1118 2.21 13.90 29.79
CA LEU A 1118 1.72 13.54 28.47
C LEU A 1118 1.63 12.03 28.28
N ALA A 1119 2.25 11.24 29.17
CA ALA A 1119 2.18 9.79 29.02
C ALA A 1119 0.75 9.28 29.17
N PHE A 1120 0.02 9.83 30.12
CA PHE A 1120 -1.35 9.38 30.40
C PHE A 1120 -2.30 10.10 29.45
N ALA A 1121 -2.77 9.39 28.44
CA ALA A 1121 -3.69 9.95 27.45
C ALA A 1121 -4.52 8.84 26.84
N GLN A 1122 -5.64 9.24 26.23
CA GLN A 1122 -6.53 8.25 25.60
C GLN A 1122 -5.94 7.76 24.29
N SER A 1123 -5.58 8.67 23.39
CA SER A 1123 -4.97 8.28 22.13
C SER A 1123 -3.56 7.78 22.37
N LYS A 1124 -3.21 6.66 21.74
CA LYS A 1124 -1.86 6.10 21.87
C LYS A 1124 -0.86 6.81 20.99
N ILE A 1125 -1.31 7.68 20.08
CA ILE A 1125 -0.36 8.40 19.23
C ILE A 1125 0.45 9.40 20.04
N PHE A 1126 -0.12 9.96 21.11
CA PHE A 1126 0.64 10.83 21.99
C PHE A 1126 1.56 10.04 22.92
N ASP A 1127 1.14 8.84 23.32
CA ASP A 1127 1.94 8.04 24.23
C ASP A 1127 3.13 7.38 23.53
N VAL A 1128 2.98 7.03 22.26
CA VAL A 1128 4.01 6.27 21.56
C VAL A 1128 5.00 7.20 20.87
N PHE A 1129 4.53 8.30 20.28
CA PHE A 1129 5.36 9.16 19.45
C PHE A 1129 5.84 10.41 20.17
N TYR A 1130 4.95 11.10 20.89
CA TYR A 1130 5.29 12.38 21.51
C TYR A 1130 5.75 12.24 22.95
N PHE A 1131 5.82 11.04 23.50
CA PHE A 1131 6.31 10.84 24.85
C PHE A 1131 7.59 10.01 24.89
N ARG A 1132 7.60 8.84 24.27
CA ARG A 1132 8.81 8.01 24.28
C ARG A 1132 9.95 8.69 23.55
N MET A 1133 9.64 9.49 22.53
CA MET A 1133 10.68 10.22 21.80
C MET A 1133 11.22 11.39 22.61
N TRP A 1134 10.33 12.15 23.25
CA TRP A 1134 10.74 13.32 24.02
C TRP A 1134 11.16 12.97 25.44
N PHE A 1135 10.91 11.75 25.89
CA PHE A 1135 11.44 11.30 27.17
C PHE A 1135 12.78 10.62 27.03
N THR A 1136 13.03 9.95 25.89
CA THR A 1136 14.34 9.37 25.65
C THR A 1136 15.36 10.45 25.34
N LEU A 1137 14.94 11.52 24.67
CA LEU A 1137 15.87 12.60 24.34
C LEU A 1137 16.44 13.22 25.60
N ILE A 1138 15.58 13.52 26.58
CA ILE A 1138 16.04 14.22 27.78
C ILE A 1138 17.07 13.38 28.51
N ILE A 1139 16.79 12.09 28.68
CA ILE A 1139 17.73 11.21 29.36
C ILE A 1139 19.01 11.07 28.54
N VAL A 1140 18.88 10.90 27.23
CA VAL A 1140 20.07 10.75 26.38
C VAL A 1140 20.81 12.07 26.27
N ALA A 1141 20.08 13.18 26.10
CA ALA A 1141 20.75 14.47 25.98
C ALA A 1141 21.34 14.92 27.30
N ALA A 1142 20.70 14.57 28.42
CA ALA A 1142 21.24 14.94 29.72
C ALA A 1142 22.58 14.27 29.96
N LEU A 1143 22.69 12.98 29.64
CA LEU A 1143 23.95 12.28 29.85
C LEU A 1143 25.05 12.88 28.99
N HIS A 1144 24.75 13.16 27.72
CA HIS A 1144 25.77 13.72 26.83
C HIS A 1144 26.17 15.13 27.25
N ALA A 1145 25.19 15.94 27.65
CA ALA A 1145 25.48 17.33 27.98
C ALA A 1145 26.32 17.44 29.24
N LEU A 1146 26.04 16.63 30.26
CA LEU A 1146 26.69 16.75 31.55
C LEU A 1146 27.93 15.87 31.68
N LEU A 1147 27.76 14.56 31.47
CA LEU A 1147 28.86 13.63 31.72
C LEU A 1147 29.88 13.59 30.58
N PHE A 1148 29.43 13.71 29.34
CA PHE A 1148 30.32 13.53 28.20
C PHE A 1148 30.94 14.84 27.71
N LEU A 1149 30.10 15.85 27.45
CA LEU A 1149 30.60 17.06 26.81
C LEU A 1149 31.74 17.71 27.58
N PRO A 1150 31.64 17.94 28.90
CA PRO A 1150 32.78 18.53 29.61
C PRO A 1150 34.04 17.70 29.50
N ALA A 1151 33.91 16.36 29.52
CA ALA A 1151 35.08 15.51 29.34
C ALA A 1151 35.68 15.70 27.95
N LEU A 1152 34.84 15.80 26.93
CA LEU A 1152 35.35 16.02 25.58
C LEU A 1152 36.00 17.39 25.44
N LEU A 1153 35.39 18.42 26.03
CA LEU A 1153 35.95 19.76 25.92
C LEU A 1153 37.32 19.84 26.57
N SER A 1154 37.48 19.22 27.75
CA SER A 1154 38.77 19.29 28.44
C SER A 1154 39.90 18.74 27.57
N LEU A 1155 39.60 17.81 26.67
CA LEU A 1155 40.56 17.25 25.74
C LEU A 1155 40.22 17.64 24.30
N PHE A 1156 39.75 18.86 24.11
CA PHE A 1156 39.35 19.34 22.80
C PHE A 1156 40.48 19.20 21.79
#